data_9HLJ
#
_entry.id   9HLJ
#
_cell.length_a   75.006
_cell.length_b   59.468
_cell.length_c   109.847
_cell.angle_alpha   90.000
_cell.angle_beta   109.907
_cell.angle_gamma   90.000
#
_symmetry.space_group_name_H-M   'P 1 21 1'
#
loop_
_entity.id
_entity.type
_entity.pdbx_description
1 polymer 'GV37-TCR alpha chain'
2 polymer 'GV37-TCR beta chain'
3 polymer 'MHC class I antigen'
4 polymer Beta-2-microglobulin
5 polymer Nucleoprotein
6 non-polymer 1,2-ETHANEDIOL
7 non-polymer 'SULFATE ION'
8 water water
#
loop_
_entity_poly.entity_id
_entity_poly.type
_entity_poly.pdbx_seq_one_letter_code
_entity_poly.pdbx_strand_id
1 'polypeptide(L)'
;GEDVEQSLFLSVREGDSSVINCTYTDSSSTYLYWYKQEPGAGLQLLTYIFSNMDMKQDQRLTVLLNKKDKHLSLRIADTQ
TGDSAIYFCAEVEGNTPLVFGKGTRLSVIANIQNPDPAVYQLRDSKSSDKSVCLFTDFDSQTNVSQSKDSDVYITDKCVL
DMRSMDFKSNSAVAWSNKSDFACANAFNNSIIPEDTFFPSPESS
;
D
2 'polypeptide(L)'
;GAGVSQSPRYKVAKRGQDVALRCDPISGHVSLFWYQQALGQGPEFLTYFQNEAQLDKSGLPSDRFFAERPEGSVSTLKIQ
RTQQEDSAVYLCASSLAGLAGGVEQFFGPGTRLTVLEDLKNVFPPEVAVFEPSEAEISHTQKATLVCLATGFYPDHVELS
WWVNGKEVHSGVCTDPQPLKEQPALNDSRYALSSRLRVSATFWQNPRNHFRCQVQFYGLSENDEWTQDRAKPVTQIVSAE
AWGRAD
;
E
3 'polypeptide(L)'
;GSHSMRYFYTAVSRPGRGEPRFIAVGYVDDTQFVRFDSDAASPRGEPRAPWVEQEGPEYWDRETQKYKRQAQADRVSLRN
LRGYYNQSEAGSHTLQRMYGCDLGPDGRLLRGYDQSAYDGKDYIALNEDLRSWTAADTAAQITQRKWEAAREAEQWRAYL
EGTCVEWLRRYLENGKETLQRAEHPKTHVTHHPVSDHEATLRCWALGFYPAEITLTWQRDGEDQTQDTELVETRPAGDGT
FQKWAAVVVPSGEEQRYTCHVQHEGLPEPLTLRWEPSSQPTIPIVGIVAGLAVLAVLAVLGAVMAVVMCRRKSSGGKGGS
CSQAASSNSAQGSDESLIACKA
;
A
4 'polypeptide(L)'
;MIQRTPKIQVYSRHPAENGKSNFLNCYVSGFHPSDIEVDLLKNGERIEKVEHSDLSFSKDWSFYLLYYTEFTPTEKDEYA
CRVNHVTLSQPKIVKWDRDM
;
B
5 'polypeptide(L)' KAYNVTQAF C
#
loop_
_chem_comp.id
_chem_comp.type
_chem_comp.name
_chem_comp.formula
EDO non-polymer 1,2-ETHANEDIOL 'C2 H6 O2'
SO4 non-polymer 'SULFATE ION' 'O4 S -2'
#
# COMPACT_ATOMS: atom_id res chain seq x y z
N GLN A 6 3.91 -20.80 7.40
CA GLN A 6 4.16 -21.87 8.37
C GLN A 6 4.97 -21.35 9.55
N SER A 7 4.66 -20.14 10.01
CA SER A 7 5.27 -19.62 11.22
C SER A 7 4.60 -20.19 12.47
N LEU A 8 3.32 -20.54 12.38
CA LEU A 8 2.58 -21.19 13.45
C LEU A 8 1.91 -22.43 12.90
N PHE A 9 1.56 -23.36 13.80
CA PHE A 9 0.95 -24.62 13.42
C PHE A 9 -0.31 -24.86 14.26
N LEU A 10 -1.30 -25.49 13.63
CA LEU A 10 -2.56 -25.80 14.28
C LEU A 10 -3.10 -27.11 13.74
N SER A 11 -3.44 -28.02 14.65
CA SER A 11 -3.97 -29.33 14.30
C SER A 11 -5.41 -29.45 14.78
N VAL A 12 -6.31 -29.84 13.89
CA VAL A 12 -7.74 -29.96 14.18
C VAL A 12 -8.24 -31.28 13.64
N ARG A 13 -9.23 -31.85 14.33
CA ARG A 13 -9.81 -33.12 13.93
C ARG A 13 -10.92 -32.90 12.92
N GLU A 14 -11.11 -33.88 12.04
CA GLU A 14 -12.14 -33.78 11.01
C GLU A 14 -13.50 -33.62 11.64
N GLY A 15 -14.30 -32.70 11.08
CA GLY A 15 -15.64 -32.45 11.58
C GLY A 15 -15.71 -31.43 12.71
N ASP A 16 -14.59 -31.09 13.32
CA ASP A 16 -14.58 -30.07 14.36
C ASP A 16 -14.58 -28.69 13.72
N SER A 17 -14.27 -27.66 14.51
CA SER A 17 -14.11 -26.30 14.03
C SER A 17 -12.67 -25.86 14.25
N SER A 18 -12.15 -25.08 13.32
CA SER A 18 -10.83 -24.49 13.43
C SER A 18 -10.97 -22.99 13.63
N VAL A 19 -10.02 -22.41 14.38
CA VAL A 19 -9.97 -20.98 14.63
C VAL A 19 -8.54 -20.52 14.40
N ILE A 20 -8.34 -19.70 13.38
CA ILE A 20 -7.05 -19.08 13.10
C ILE A 20 -7.08 -17.65 13.60
N ASN A 21 -5.97 -17.19 14.19
CA ASN A 21 -5.86 -15.84 14.72
C ASN A 21 -4.66 -15.14 14.11
N CYS A 22 -4.63 -13.83 14.28
CA CYS A 22 -3.50 -13.01 13.85
C CYS A 22 -3.70 -11.61 14.40
N THR A 23 -2.59 -10.89 14.54
CA THR A 23 -2.59 -9.50 14.99
C THR A 23 -1.94 -8.66 13.88
N TYR A 24 -2.77 -7.96 13.11
CA TYR A 24 -2.23 -7.18 12.00
C TYR A 24 -1.58 -5.90 12.53
N THR A 25 -0.98 -5.14 11.62
CA THR A 25 -0.09 -4.04 12.00
C THR A 25 -0.84 -2.72 12.18
N ASP A 26 -1.29 -2.14 11.07
CA ASP A 26 -1.83 -0.78 11.09
C ASP A 26 -3.32 -0.80 11.45
N SER A 27 -3.68 -0.03 12.48
CA SER A 27 -5.08 0.09 12.88
C SER A 27 -5.93 0.83 11.86
N SER A 28 -5.31 1.49 10.88
CA SER A 28 -6.05 2.20 9.84
C SER A 28 -6.41 1.32 8.65
N SER A 29 -6.09 0.03 8.70
CA SER A 29 -6.42 -0.87 7.60
C SER A 29 -7.92 -0.87 7.37
N THR A 30 -8.33 -0.61 6.13
CA THR A 30 -9.74 -0.54 5.79
C THR A 30 -10.34 -1.91 5.47
N TYR A 31 -9.54 -2.85 4.99
CA TYR A 31 -10.01 -4.20 4.69
C TYR A 31 -9.04 -5.21 5.23
N LEU A 32 -9.56 -6.25 5.88
CA LEU A 32 -8.78 -7.40 6.31
C LEU A 32 -9.13 -8.58 5.44
N TYR A 33 -8.13 -9.41 5.12
CA TYR A 33 -8.27 -10.50 4.17
C TYR A 33 -7.78 -11.81 4.77
N TRP A 34 -8.35 -12.91 4.30
CA TRP A 34 -7.87 -14.26 4.61
C TRP A 34 -7.54 -14.97 3.29
N TYR A 35 -6.30 -15.39 3.14
CA TYR A 35 -5.88 -16.18 2.00
C TYR A 35 -5.40 -17.56 2.47
N LYS A 36 -5.55 -18.55 1.61
CA LYS A 36 -5.02 -19.88 1.87
C LYS A 36 -4.15 -20.30 0.70
N GLN A 37 -3.03 -20.95 1.01
CA GLN A 37 -2.08 -21.41 0.00
C GLN A 37 -1.83 -22.88 0.21
N GLU A 38 -2.21 -23.69 -0.76
CA GLU A 38 -1.93 -25.11 -0.71
C GLU A 38 -0.54 -25.39 -1.26
N PRO A 39 0.07 -26.52 -0.87
CA PRO A 39 1.45 -26.81 -1.30
C PRO A 39 1.63 -26.69 -2.81
N GLY A 40 2.42 -25.71 -3.23
CA GLY A 40 2.76 -25.53 -4.63
C GLY A 40 1.85 -24.61 -5.41
N ALA A 41 0.65 -24.34 -4.90
CA ALA A 41 -0.30 -23.50 -5.62
C ALA A 41 -0.09 -22.03 -5.24
N GLY A 42 -0.88 -21.15 -5.86
CA GLY A 42 -0.87 -19.76 -5.52
C GLY A 42 -1.82 -19.45 -4.38
N LEU A 43 -1.86 -18.17 -4.00
CA LEU A 43 -2.76 -17.73 -2.94
C LEU A 43 -4.20 -17.70 -3.44
N GLN A 44 -5.11 -18.25 -2.64
CA GLN A 44 -6.53 -18.22 -2.92
C GLN A 44 -7.21 -17.28 -1.94
N LEU A 45 -8.02 -16.36 -2.46
CA LEU A 45 -8.79 -15.47 -1.59
C LEU A 45 -9.92 -16.26 -0.92
N LEU A 46 -9.97 -16.17 0.41
CA LEU A 46 -11.03 -16.79 1.19
C LEU A 46 -12.17 -15.82 1.47
N THR A 47 -11.88 -14.75 2.22
CA THR A 47 -12.89 -13.76 2.54
C THR A 47 -12.23 -12.41 2.75
N TYR A 48 -13.06 -11.39 2.88
CA TYR A 48 -12.62 -10.05 3.25
C TYR A 48 -13.69 -9.45 4.17
N ILE A 49 -13.25 -8.57 5.07
CA ILE A 49 -14.16 -7.87 5.95
C ILE A 49 -13.80 -6.39 5.95
N PHE A 50 -14.83 -5.55 5.86
CA PHE A 50 -14.66 -4.11 5.92
C PHE A 50 -14.44 -3.70 7.37
N SER A 51 -13.37 -2.94 7.62
CA SER A 51 -12.90 -2.70 8.98
C SER A 51 -13.97 -2.12 9.90
N ASN A 52 -15.05 -1.56 9.35
CA ASN A 52 -16.12 -1.03 10.18
C ASN A 52 -17.16 -2.08 10.55
N MET A 53 -17.04 -3.30 10.05
CA MET A 53 -17.93 -4.39 10.41
C MET A 53 -17.32 -5.22 11.54
N ASP A 54 -18.20 -5.82 12.34
CA ASP A 54 -17.77 -6.66 13.45
C ASP A 54 -17.50 -8.09 13.01
N MET A 55 -18.35 -8.65 12.16
CA MET A 55 -18.22 -10.04 11.75
C MET A 55 -18.84 -10.21 10.37
N LYS A 56 -18.34 -11.20 9.64
CA LYS A 56 -18.83 -11.53 8.31
C LYS A 56 -18.85 -13.04 8.15
N GLN A 57 -19.86 -13.56 7.46
CA GLN A 57 -20.04 -14.99 7.31
C GLN A 57 -20.32 -15.31 5.85
N ASP A 58 -19.81 -16.46 5.39
CA ASP A 58 -20.07 -16.94 4.04
C ASP A 58 -19.77 -18.43 4.01
N GLN A 59 -20.83 -19.25 3.98
CA GLN A 59 -20.71 -20.71 3.99
C GLN A 59 -20.06 -21.11 5.31
N ARG A 60 -19.09 -22.02 5.33
CA ARG A 60 -18.50 -22.53 6.55
C ARG A 60 -17.49 -21.57 7.18
N LEU A 61 -17.29 -20.39 6.61
CA LEU A 61 -16.31 -19.44 7.13
C LEU A 61 -16.99 -18.37 7.96
N THR A 62 -16.34 -17.97 9.05
CA THR A 62 -16.82 -16.89 9.89
C THR A 62 -15.62 -16.03 10.27
N VAL A 63 -15.69 -14.75 9.96
CA VAL A 63 -14.61 -13.80 10.22
C VAL A 63 -15.04 -12.91 11.38
N LEU A 64 -14.18 -12.78 12.38
CA LEU A 64 -14.43 -11.94 13.55
C LEU A 64 -13.32 -10.91 13.64
N LEU A 65 -13.69 -9.63 13.62
CA LEU A 65 -12.74 -8.54 13.72
C LEU A 65 -12.89 -7.86 15.08
N ASN A 66 -11.76 -7.42 15.63
CA ASN A 66 -11.74 -6.72 16.92
C ASN A 66 -10.66 -5.65 16.84
N LYS A 67 -11.03 -4.47 16.34
CA LYS A 67 -10.11 -3.35 16.25
C LYS A 67 -9.61 -2.95 17.63
N LYS A 68 -8.77 -1.92 17.70
CA LYS A 68 -8.12 -1.52 18.94
C LYS A 68 -7.07 -2.56 19.32
N ASP A 69 -7.51 -3.79 19.57
CA ASP A 69 -6.59 -4.91 19.74
C ASP A 69 -6.00 -5.38 18.42
N LYS A 70 -6.57 -4.97 17.29
CA LYS A 70 -6.09 -5.38 15.97
C LYS A 70 -6.04 -6.90 15.86
N HIS A 71 -7.16 -7.53 16.17
CA HIS A 71 -7.27 -8.98 16.22
C HIS A 71 -8.25 -9.46 15.17
N LEU A 72 -7.81 -10.39 14.32
CA LEU A 72 -8.63 -10.95 13.26
C LEU A 72 -8.68 -12.47 13.44
N SER A 73 -9.87 -13.05 13.34
CA SER A 73 -10.07 -14.47 13.54
C SER A 73 -10.86 -15.06 12.38
N LEU A 74 -10.48 -16.27 11.99
CA LEU A 74 -11.20 -17.06 10.99
C LEU A 74 -11.62 -18.38 11.64
N ARG A 75 -12.91 -18.67 11.60
CA ARG A 75 -13.44 -19.92 12.13
C ARG A 75 -13.95 -20.76 10.96
N ILE A 76 -13.35 -21.92 10.76
CA ILE A 76 -13.81 -22.87 9.75
C ILE A 76 -14.76 -23.85 10.43
N ALA A 77 -16.00 -23.90 9.96
CA ALA A 77 -16.98 -24.84 10.50
C ALA A 77 -16.83 -26.20 9.80
N ASP A 78 -17.03 -27.27 10.58
CA ASP A 78 -16.97 -28.63 10.06
C ASP A 78 -15.72 -28.84 9.21
N THR A 79 -14.57 -28.55 9.82
CA THR A 79 -13.30 -28.59 9.10
C THR A 79 -13.01 -29.99 8.59
N GLN A 80 -12.64 -30.07 7.30
CA GLN A 80 -12.40 -31.34 6.63
C GLN A 80 -11.02 -31.33 5.98
N THR A 81 -10.58 -32.53 5.57
CA THR A 81 -9.22 -32.72 5.10
C THR A 81 -8.87 -31.76 3.96
N GLY A 82 -9.84 -31.39 3.14
CA GLY A 82 -9.59 -30.43 2.08
C GLY A 82 -9.20 -29.05 2.57
N ASP A 83 -9.25 -28.81 3.88
CA ASP A 83 -8.94 -27.51 4.47
C ASP A 83 -7.49 -27.38 4.90
N SER A 84 -6.72 -28.47 4.88
CA SER A 84 -5.32 -28.43 5.28
C SER A 84 -4.55 -27.53 4.31
N ALA A 85 -3.92 -26.49 4.85
CA ALA A 85 -3.19 -25.53 4.04
C ALA A 85 -2.50 -24.52 4.95
N ILE A 86 -1.91 -23.50 4.35
CA ILE A 86 -1.37 -22.36 5.08
C ILE A 86 -2.32 -21.20 4.92
N TYR A 87 -2.63 -20.52 6.01
CA TYR A 87 -3.57 -19.41 6.01
C TYR A 87 -2.84 -18.12 6.38
N PHE A 88 -3.06 -17.06 5.61
CA PHE A 88 -2.35 -15.80 5.75
C PHE A 88 -3.32 -14.65 6.01
N CYS A 89 -2.95 -13.79 6.97
CA CYS A 89 -3.65 -12.52 7.16
C CYS A 89 -3.10 -11.48 6.21
N ALA A 90 -3.99 -10.65 5.68
CA ALA A 90 -3.58 -9.53 4.83
C ALA A 90 -4.42 -8.31 5.18
N GLU A 91 -3.79 -7.14 5.14
CA GLU A 91 -4.47 -5.87 5.38
C GLU A 91 -4.20 -4.94 4.21
N VAL A 92 -5.11 -3.98 4.01
CA VAL A 92 -4.98 -3.02 2.93
C VAL A 92 -5.71 -1.74 3.31
N GLU A 93 -5.12 -0.61 2.94
CA GLU A 93 -5.72 0.70 3.14
C GLU A 93 -5.44 1.56 1.93
N GLY A 94 -6.49 2.01 1.25
CA GLY A 94 -6.32 2.88 0.10
C GLY A 94 -5.81 2.13 -1.12
N ASN A 95 -5.02 2.84 -1.92
CA ASN A 95 -4.49 2.29 -3.17
C ASN A 95 -3.05 1.82 -2.97
N THR A 96 -2.90 0.84 -2.08
CA THR A 96 -1.61 0.27 -1.72
C THR A 96 -1.63 -1.24 -1.91
N PRO A 97 -0.47 -1.88 -1.84
CA PRO A 97 -0.44 -3.35 -1.92
C PRO A 97 -0.88 -3.99 -0.62
N LEU A 98 -1.34 -5.23 -0.73
CA LEU A 98 -1.62 -6.04 0.44
C LEU A 98 -0.36 -6.18 1.28
N VAL A 99 -0.53 -6.15 2.60
CA VAL A 99 0.54 -6.46 3.54
C VAL A 99 0.14 -7.75 4.25
N PHE A 100 0.96 -8.79 4.09
CA PHE A 100 0.66 -10.12 4.59
C PHE A 100 1.31 -10.33 5.96
N GLY A 101 0.59 -11.02 6.83
CA GLY A 101 1.14 -11.44 8.11
C GLY A 101 1.87 -12.76 8.00
N LYS A 102 2.31 -13.27 9.15
CA LYS A 102 2.87 -14.60 9.20
C LYS A 102 1.78 -15.63 8.92
N GLY A 103 2.18 -16.76 8.34
CA GLY A 103 1.23 -17.80 8.01
C GLY A 103 0.94 -18.73 9.18
N THR A 104 -0.13 -19.51 9.01
CA THR A 104 -0.50 -20.54 9.97
C THR A 104 -0.85 -21.80 9.20
N ARG A 105 -0.14 -22.89 9.48
CA ARG A 105 -0.40 -24.16 8.81
C ARG A 105 -1.47 -24.93 9.57
N LEU A 106 -2.59 -25.21 8.90
CA LEU A 106 -3.69 -25.96 9.47
C LEU A 106 -3.60 -27.41 9.01
N SER A 107 -3.52 -28.33 9.97
CA SER A 107 -3.36 -29.75 9.69
C SER A 107 -4.58 -30.49 10.21
N VAL A 108 -5.34 -31.10 9.31
CA VAL A 108 -6.58 -31.77 9.65
C VAL A 108 -6.31 -33.26 9.87
N ILE A 109 -6.63 -33.75 11.06
CA ILE A 109 -6.44 -35.15 11.41
C ILE A 109 -7.66 -35.93 10.94
N ALA A 110 -7.43 -36.93 10.09
CA ALA A 110 -8.53 -37.67 9.47
C ALA A 110 -9.26 -38.54 10.49
N ASN A 111 -10.57 -38.68 10.30
CA ASN A 111 -11.41 -39.52 11.14
C ASN A 111 -11.34 -40.95 10.63
N ILE A 112 -10.77 -41.85 11.44
CA ILE A 112 -10.55 -43.23 11.05
C ILE A 112 -11.58 -44.09 11.77
N GLN A 113 -12.58 -44.57 11.01
CA GLN A 113 -13.70 -45.28 11.62
C GLN A 113 -13.30 -46.67 12.10
N ASN A 114 -12.50 -47.39 11.32
CA ASN A 114 -12.08 -48.76 11.66
C ASN A 114 -10.57 -48.87 11.50
N PRO A 115 -9.81 -48.59 12.55
CA PRO A 115 -8.36 -48.76 12.48
C PRO A 115 -8.00 -50.20 12.13
N ASP A 116 -6.89 -50.36 11.41
CA ASP A 116 -6.45 -51.67 10.97
C ASP A 116 -4.99 -51.62 10.56
N PRO A 117 -4.08 -51.24 11.47
CA PRO A 117 -2.67 -51.08 11.08
C PRO A 117 -2.06 -52.39 10.61
N ALA A 118 -1.35 -52.33 9.49
CA ALA A 118 -0.68 -53.50 8.94
C ALA A 118 0.35 -53.05 7.92
N VAL A 119 1.60 -53.44 8.12
CA VAL A 119 2.67 -53.09 7.19
C VAL A 119 2.68 -54.10 6.05
N TYR A 120 2.91 -53.62 4.83
CA TYR A 120 2.90 -54.46 3.64
C TYR A 120 4.09 -54.12 2.76
N GLN A 121 4.62 -55.14 2.09
CA GLN A 121 5.71 -54.98 1.14
C GLN A 121 5.16 -55.08 -0.26
N LEU A 122 5.56 -54.15 -1.14
CA LEU A 122 5.00 -54.04 -2.47
C LEU A 122 5.99 -54.53 -3.52
N ARG A 123 5.44 -55.03 -4.62
CA ARG A 123 6.24 -55.59 -5.70
C ARG A 123 6.99 -54.49 -6.45
N ASP A 124 8.32 -54.52 -6.38
CA ASP A 124 9.16 -53.53 -7.05
C ASP A 124 9.08 -53.76 -8.55
N SER A 125 8.05 -53.18 -9.17
CA SER A 125 7.79 -53.41 -10.58
C SER A 125 8.97 -52.95 -11.43
N LYS A 126 9.26 -53.72 -12.48
CA LYS A 126 10.40 -53.45 -13.37
C LYS A 126 11.73 -53.71 -12.67
N SER A 127 11.75 -54.71 -11.80
CA SER A 127 12.97 -55.18 -11.13
C SER A 127 13.74 -54.02 -10.50
N SER A 128 13.07 -53.35 -9.56
CA SER A 128 13.68 -52.26 -8.79
C SER A 128 14.27 -52.86 -7.52
N ASP A 129 15.60 -53.00 -7.50
CA ASP A 129 16.29 -53.60 -6.36
C ASP A 129 15.78 -53.05 -5.04
N LYS A 130 15.80 -51.73 -4.89
CA LYS A 130 15.30 -51.07 -3.69
C LYS A 130 13.86 -51.47 -3.41
N SER A 131 13.62 -52.04 -2.24
CA SER A 131 12.29 -52.45 -1.83
C SER A 131 11.61 -51.32 -1.05
N VAL A 132 10.30 -51.44 -0.86
CA VAL A 132 9.51 -50.45 -0.13
C VAL A 132 8.42 -51.19 0.64
N CYS A 133 8.25 -50.83 1.91
CA CYS A 133 7.16 -51.33 2.73
C CYS A 133 6.26 -50.16 3.11
N LEU A 134 4.95 -50.42 3.09
CA LEU A 134 3.92 -49.40 3.24
C LEU A 134 3.21 -49.60 4.57
N PHE A 135 3.30 -48.60 5.46
CA PHE A 135 2.54 -48.58 6.70
C PHE A 135 1.21 -47.89 6.42
N THR A 136 0.12 -48.65 6.51
CA THR A 136 -1.18 -48.14 6.12
C THR A 136 -2.24 -48.55 7.13
N ASP A 137 -3.37 -47.85 7.07
CA ASP A 137 -4.56 -48.16 7.86
C ASP A 137 -4.38 -47.91 9.36
N PHE A 138 -3.36 -47.13 9.74
CA PHE A 138 -3.12 -46.86 11.15
C PHE A 138 -4.04 -45.75 11.65
N ASP A 139 -3.99 -45.49 12.95
CA ASP A 139 -4.92 -44.59 13.61
C ASP A 139 -4.48 -43.14 13.46
N SER A 140 -5.42 -42.23 13.75
CA SER A 140 -5.12 -40.81 13.70
C SER A 140 -4.03 -40.44 14.68
N GLN A 141 -4.00 -41.09 15.85
CA GLN A 141 -2.98 -40.84 16.84
C GLN A 141 -1.67 -41.57 16.54
N THR A 142 -1.67 -42.47 15.55
CA THR A 142 -0.46 -43.19 15.18
C THR A 142 0.60 -42.21 14.69
N ASN A 143 1.86 -42.53 14.96
CA ASN A 143 2.98 -41.67 14.64
C ASN A 143 4.02 -42.45 13.84
N VAL A 144 4.74 -41.75 12.97
CA VAL A 144 5.77 -42.33 12.12
C VAL A 144 7.00 -41.44 12.21
N SER A 145 8.06 -41.96 12.81
CA SER A 145 9.29 -41.20 13.03
C SER A 145 10.41 -41.75 12.13
N GLN A 146 11.53 -41.02 12.11
CA GLN A 146 12.63 -41.30 11.18
C GLN A 146 13.63 -42.25 11.83
N SER A 147 13.73 -43.45 11.30
CA SER A 147 14.75 -44.40 11.75
C SER A 147 16.13 -43.79 11.62
N LYS A 148 16.86 -43.74 12.74
CA LYS A 148 18.20 -43.16 12.73
C LYS A 148 19.16 -43.90 11.82
N ASP A 149 18.79 -45.08 11.34
CA ASP A 149 19.60 -45.79 10.36
C ASP A 149 20.01 -44.84 9.24
N SER A 150 21.31 -44.78 8.97
CA SER A 150 21.84 -43.76 8.07
C SER A 150 21.22 -43.82 6.68
N ASP A 151 20.85 -45.03 6.22
CA ASP A 151 20.32 -45.21 4.88
C ASP A 151 19.00 -45.99 4.92
N VAL A 152 18.08 -45.53 5.76
CA VAL A 152 16.72 -46.06 5.80
C VAL A 152 15.78 -44.86 5.81
N TYR A 153 15.08 -44.64 4.70
CA TYR A 153 14.26 -43.46 4.51
C TYR A 153 12.81 -43.77 4.88
N ILE A 154 12.25 -42.93 5.75
CA ILE A 154 10.84 -42.99 6.11
C ILE A 154 10.18 -41.69 5.68
N THR A 155 9.05 -41.81 4.99
CA THR A 155 8.31 -40.63 4.57
C THR A 155 7.29 -40.24 5.63
N ASP A 156 6.81 -39.00 5.53
CA ASP A 156 5.78 -38.55 6.45
C ASP A 156 4.47 -39.28 6.15
N LYS A 157 3.43 -38.92 6.89
CA LYS A 157 2.13 -39.57 6.81
C LYS A 157 1.16 -38.67 6.06
N CYS A 158 0.60 -39.16 4.96
CA CYS A 158 -0.47 -38.46 4.26
C CYS A 158 -1.72 -39.33 4.22
N VAL A 159 -2.87 -38.67 4.23
CA VAL A 159 -4.16 -39.34 4.23
C VAL A 159 -4.64 -39.47 2.80
N LEU A 160 -5.29 -40.59 2.51
CA LEU A 160 -5.85 -40.88 1.20
C LEU A 160 -7.37 -40.95 1.32
N ASP A 161 -8.07 -40.45 0.29
CA ASP A 161 -9.52 -40.34 0.33
C ASP A 161 -10.10 -40.92 -0.96
N MET A 162 -10.72 -42.10 -0.84
CA MET A 162 -11.42 -42.72 -1.96
C MET A 162 -12.89 -42.30 -1.86
N ARG A 163 -13.29 -41.34 -2.68
CA ARG A 163 -14.65 -40.83 -2.61
C ARG A 163 -15.69 -41.87 -3.00
N SER A 164 -15.29 -42.89 -3.77
CA SER A 164 -16.26 -43.89 -4.22
C SER A 164 -17.01 -44.52 -3.06
N MET A 165 -16.33 -44.71 -1.92
CA MET A 165 -16.93 -45.36 -0.77
C MET A 165 -16.77 -44.54 0.51
N ASP A 166 -16.51 -43.24 0.39
CA ASP A 166 -16.31 -42.37 1.55
C ASP A 166 -15.32 -42.98 2.53
N PHE A 167 -14.26 -43.59 1.98
CA PHE A 167 -13.24 -44.24 2.77
C PHE A 167 -11.99 -43.35 2.85
N LYS A 168 -11.34 -43.36 4.01
CA LYS A 168 -10.11 -42.63 4.22
C LYS A 168 -9.09 -43.59 4.84
N SER A 169 -7.81 -43.27 4.64
CA SER A 169 -6.76 -44.14 5.16
C SER A 169 -5.44 -43.38 5.17
N ASN A 170 -4.76 -43.39 6.32
CA ASN A 170 -3.42 -42.84 6.41
C ASN A 170 -2.42 -43.80 5.78
N SER A 171 -1.32 -43.23 5.27
CA SER A 171 -0.34 -44.02 4.54
C SER A 171 1.05 -43.47 4.81
N ALA A 172 2.04 -44.38 4.81
CA ALA A 172 3.43 -44.02 4.95
C ALA A 172 4.26 -45.03 4.16
N VAL A 173 5.45 -44.60 3.76
CA VAL A 173 6.32 -45.40 2.89
C VAL A 173 7.73 -45.39 3.44
N ALA A 174 8.42 -46.52 3.31
CA ALA A 174 9.80 -46.66 3.76
C ALA A 174 10.57 -47.49 2.74
N TRP A 175 11.85 -47.16 2.59
CA TRP A 175 12.72 -47.88 1.66
C TRP A 175 14.16 -47.70 2.14
N SER A 176 15.03 -48.58 1.66
CA SER A 176 16.44 -48.59 2.05
C SER A 176 17.31 -48.71 0.81
N ASN A 177 18.35 -47.89 0.73
CA ASN A 177 19.34 -47.97 -0.33
C ASN A 177 20.65 -48.59 0.15
N LYS A 178 20.82 -48.78 1.45
CA LYS A 178 22.04 -49.35 2.01
C LYS A 178 22.05 -50.88 1.95
N SER A 179 21.08 -51.48 1.25
CA SER A 179 21.01 -52.93 1.08
C SER A 179 20.62 -53.64 2.38
N ASP A 180 19.83 -52.98 3.22
CA ASP A 180 19.35 -53.56 4.48
C ASP A 180 17.93 -53.09 4.70
N PHE A 181 16.96 -53.93 4.34
CA PHE A 181 15.55 -53.62 4.49
C PHE A 181 14.97 -54.45 5.64
N ALA A 182 13.98 -53.88 6.31
CA ALA A 182 13.35 -54.54 7.46
C ALA A 182 11.91 -54.04 7.54
N CYS A 183 10.97 -54.82 6.99
CA CYS A 183 9.57 -54.44 7.00
C CYS A 183 9.01 -54.36 8.42
N ALA A 184 9.78 -54.75 9.43
CA ALA A 184 9.36 -54.62 10.81
C ALA A 184 10.38 -53.80 11.61
N GLY B 1 -6.52 -23.46 -14.12
CA GLY B 1 -5.64 -22.31 -14.10
C GLY B 1 -6.24 -21.09 -14.76
N ALA B 2 -7.53 -20.84 -14.50
CA ALA B 2 -8.24 -19.72 -15.09
C ALA B 2 -7.95 -18.46 -14.28
N GLY B 3 -7.26 -17.49 -14.89
CA GLY B 3 -6.93 -16.25 -14.23
C GLY B 3 -5.64 -15.62 -14.70
N VAL B 4 -4.79 -15.21 -13.76
CA VAL B 4 -3.49 -14.64 -14.09
C VAL B 4 -2.53 -15.75 -14.49
N SER B 5 -1.65 -15.46 -15.43
CA SER B 5 -0.64 -16.41 -15.89
C SER B 5 0.75 -15.88 -15.55
N GLN B 6 1.66 -16.81 -15.24
CA GLN B 6 3.06 -16.48 -15.03
C GLN B 6 3.90 -17.47 -15.83
N SER B 7 4.78 -16.96 -16.66
CA SER B 7 5.38 -17.74 -17.75
C SER B 7 6.30 -18.84 -17.25
N PRO B 8 7.46 -18.52 -16.68
CA PRO B 8 8.44 -19.59 -16.38
C PRO B 8 7.90 -20.68 -15.48
N ARG B 9 7.14 -20.31 -14.44
CA ARG B 9 6.64 -21.26 -13.45
C ARG B 9 7.78 -21.82 -12.60
N TYR B 10 8.67 -22.59 -13.22
CA TYR B 10 9.90 -23.05 -12.59
C TYR B 10 11.09 -22.57 -13.42
N LYS B 11 12.17 -22.19 -12.74
CA LYS B 11 13.33 -21.66 -13.42
C LYS B 11 14.58 -21.97 -12.60
N VAL B 12 15.61 -22.49 -13.26
CA VAL B 12 16.91 -22.71 -12.66
C VAL B 12 17.91 -21.81 -13.38
N ALA B 13 18.75 -21.13 -12.60
CA ALA B 13 19.75 -20.23 -13.15
C ALA B 13 21.03 -20.32 -12.33
N LYS B 14 22.17 -20.33 -13.02
CA LYS B 14 23.45 -20.37 -12.35
C LYS B 14 23.86 -18.98 -11.88
N ARG B 15 24.58 -18.95 -10.75
CA ARG B 15 25.07 -17.70 -10.18
C ARG B 15 25.80 -16.88 -11.24
N GLY B 16 25.21 -15.74 -11.63
CA GLY B 16 25.83 -14.81 -12.57
C GLY B 16 24.97 -14.52 -13.78
N GLN B 17 24.19 -15.49 -14.24
CA GLN B 17 23.35 -15.27 -15.40
C GLN B 17 22.16 -14.38 -15.03
N ASP B 18 21.40 -14.00 -16.05
CA ASP B 18 20.22 -13.18 -15.90
C ASP B 18 18.96 -13.99 -16.15
N VAL B 19 17.84 -13.52 -15.62
CA VAL B 19 16.55 -14.18 -15.77
C VAL B 19 15.47 -13.12 -15.91
N ALA B 20 14.41 -13.48 -16.64
CA ALA B 20 13.27 -12.60 -16.87
C ALA B 20 11.99 -13.38 -16.59
N LEU B 21 11.14 -12.82 -15.73
CA LEU B 21 9.88 -13.44 -15.36
C LEU B 21 8.72 -12.64 -15.95
N ARG B 22 7.70 -13.35 -16.41
CA ARG B 22 6.60 -12.74 -17.16
C ARG B 22 5.28 -12.93 -16.40
N CYS B 23 4.43 -11.91 -16.46
CA CYS B 23 3.12 -11.95 -15.84
C CYS B 23 2.07 -11.49 -16.84
N ASP B 24 0.97 -12.26 -16.94
CA ASP B 24 -0.13 -11.99 -17.87
C ASP B 24 -1.40 -11.76 -17.06
N PRO B 25 -1.70 -10.52 -16.71
CA PRO B 25 -2.89 -10.25 -15.88
C PRO B 25 -4.15 -10.17 -16.72
N ILE B 26 -5.29 -10.13 -16.03
CA ILE B 26 -6.56 -10.01 -16.71
C ILE B 26 -6.59 -8.72 -17.52
N SER B 27 -7.18 -8.80 -18.71
CA SER B 27 -7.04 -7.73 -19.70
C SER B 27 -7.43 -6.37 -19.14
N GLY B 28 -8.58 -6.30 -18.47
CA GLY B 28 -9.09 -5.01 -18.04
C GLY B 28 -8.48 -4.43 -16.78
N HIS B 29 -7.70 -5.22 -16.05
CA HIS B 29 -7.23 -4.79 -14.73
C HIS B 29 -6.23 -3.66 -14.83
N VAL B 30 -6.38 -2.67 -13.95
CA VAL B 30 -5.54 -1.48 -13.97
C VAL B 30 -4.27 -1.66 -13.14
N SER B 31 -4.39 -2.28 -11.96
CA SER B 31 -3.27 -2.41 -11.05
C SER B 31 -2.69 -3.83 -11.09
N LEU B 32 -1.38 -3.92 -10.90
CA LEU B 32 -0.65 -5.17 -11.00
C LEU B 32 0.46 -5.17 -9.94
N PHE B 33 0.56 -6.26 -9.19
CA PHE B 33 1.45 -6.35 -8.04
C PHE B 33 2.44 -7.49 -8.22
N TRP B 34 3.65 -7.28 -7.68
CA TRP B 34 4.69 -8.30 -7.64
C TRP B 34 5.08 -8.54 -6.18
N TYR B 35 5.14 -9.80 -5.78
CA TYR B 35 5.57 -10.17 -4.44
C TYR B 35 6.70 -11.18 -4.52
N GLN B 36 7.40 -11.33 -3.40
CA GLN B 36 8.43 -12.34 -3.21
C GLN B 36 8.01 -13.23 -2.05
N GLN B 37 8.37 -14.52 -2.13
CA GLN B 37 7.94 -15.47 -1.11
C GLN B 37 9.04 -16.48 -0.83
N ALA B 38 9.36 -16.64 0.45
CA ALA B 38 10.30 -17.66 0.90
C ALA B 38 9.53 -18.91 1.31
N LEU B 39 10.27 -19.93 1.74
CA LEU B 39 9.67 -21.22 2.10
C LEU B 39 8.52 -21.07 3.09
N GLY B 40 7.29 -21.25 2.62
CA GLY B 40 6.12 -21.20 3.45
C GLY B 40 6.02 -19.98 4.34
N GLN B 41 6.46 -18.83 3.83
CA GLN B 41 6.39 -17.58 4.57
C GLN B 41 5.51 -16.58 3.81
N GLY B 42 5.05 -15.56 4.53
CA GLY B 42 4.18 -14.57 3.95
C GLY B 42 4.81 -13.84 2.79
N PRO B 43 4.01 -13.52 1.78
CA PRO B 43 4.53 -12.75 0.65
C PRO B 43 4.94 -11.35 1.06
N GLU B 44 6.05 -10.89 0.49
CA GLU B 44 6.57 -9.55 0.75
C GLU B 44 6.50 -8.72 -0.52
N PHE B 45 6.25 -7.42 -0.34
CA PHE B 45 6.02 -6.52 -1.46
C PHE B 45 7.30 -6.22 -2.21
N LEU B 46 7.19 -6.15 -3.54
CA LEU B 46 8.28 -5.74 -4.42
C LEU B 46 7.98 -4.45 -5.16
N THR B 47 6.84 -4.36 -5.83
CA THR B 47 6.49 -3.22 -6.67
C THR B 47 5.09 -3.42 -7.25
N TYR B 48 4.39 -2.32 -7.55
CA TYR B 48 3.09 -2.42 -8.19
C TYR B 48 2.90 -1.27 -9.17
N PHE B 49 1.91 -1.42 -10.04
CA PHE B 49 1.74 -0.55 -11.20
C PHE B 49 0.31 -0.02 -11.25
N GLN B 50 0.18 1.22 -11.70
CA GLN B 50 -1.10 1.84 -12.04
C GLN B 50 -1.10 2.02 -13.54
N ASN B 51 -1.90 1.22 -14.25
CA ASN B 51 -1.76 1.12 -15.70
C ASN B 51 -0.33 0.72 -16.01
N GLU B 52 0.43 1.60 -16.66
CA GLU B 52 1.83 1.34 -16.95
C GLU B 52 2.78 2.08 -16.02
N ALA B 53 2.27 2.90 -15.12
CA ALA B 53 3.12 3.65 -14.19
C ALA B 53 3.47 2.80 -12.98
N GLN B 54 4.72 2.92 -12.54
CA GLN B 54 5.21 2.20 -11.36
C GLN B 54 5.04 3.10 -10.15
N LEU B 55 4.07 2.80 -9.30
CA LEU B 55 3.79 3.65 -8.15
C LEU B 55 4.86 3.53 -7.08
N ASP B 56 5.53 2.37 -7.00
CA ASP B 56 6.52 2.17 -5.97
C ASP B 56 7.39 0.97 -6.34
N LYS B 57 8.70 1.10 -6.09
CA LYS B 57 9.64 0.01 -6.33
C LYS B 57 10.57 -0.20 -5.14
N SER B 58 10.19 0.30 -3.96
CA SER B 58 11.06 0.18 -2.79
C SER B 58 11.24 -1.27 -2.35
N GLY B 59 10.37 -2.18 -2.80
CA GLY B 59 10.48 -3.57 -2.37
C GLY B 59 11.62 -4.31 -3.01
N LEU B 60 12.07 -3.88 -4.18
CA LEU B 60 13.18 -4.53 -4.84
C LEU B 60 14.38 -4.57 -3.92
N PRO B 61 14.98 -5.74 -3.67
CA PRO B 61 16.10 -5.81 -2.73
C PRO B 61 17.42 -5.32 -3.29
N SER B 62 17.58 -5.30 -4.61
CA SER B 62 18.82 -4.87 -5.24
C SER B 62 18.51 -4.12 -6.52
N ASP B 63 19.48 -3.34 -6.99
CA ASP B 63 19.32 -2.63 -8.25
C ASP B 63 19.33 -3.56 -9.45
N ARG B 64 19.76 -4.81 -9.28
CA ARG B 64 19.71 -5.79 -10.36
C ARG B 64 18.28 -6.13 -10.76
N PHE B 65 17.32 -5.93 -9.86
CA PHE B 65 15.91 -6.17 -10.17
C PHE B 65 15.34 -4.99 -10.94
N PHE B 66 14.54 -5.29 -11.96
CA PHE B 66 13.92 -4.25 -12.77
C PHE B 66 12.59 -4.77 -13.30
N ALA B 67 11.50 -4.21 -12.81
CA ALA B 67 10.17 -4.52 -13.30
C ALA B 67 9.72 -3.46 -14.30
N GLU B 68 8.78 -3.83 -15.16
CA GLU B 68 8.23 -2.89 -16.12
C GLU B 68 6.91 -3.44 -16.66
N ARG B 69 6.19 -2.59 -17.37
CA ARG B 69 4.87 -2.88 -17.91
C ARG B 69 4.60 -1.94 -19.07
N PRO B 70 5.14 -2.23 -20.26
CA PRO B 70 5.17 -1.22 -21.34
C PRO B 70 3.83 -0.58 -21.65
N GLU B 71 2.84 -1.37 -22.06
CA GLU B 71 1.53 -0.84 -22.44
C GLU B 71 0.45 -1.17 -21.41
N GLY B 72 0.84 -1.40 -20.16
CA GLY B 72 -0.13 -1.59 -19.10
C GLY B 72 -0.85 -2.93 -19.12
N SER B 73 -0.25 -3.96 -19.72
CA SER B 73 -0.83 -5.29 -19.73
C SER B 73 0.18 -6.24 -19.14
N VAL B 74 0.96 -6.94 -19.98
CA VAL B 74 1.98 -7.84 -19.46
C VAL B 74 2.99 -7.07 -18.63
N SER B 75 3.49 -7.72 -17.58
CA SER B 75 4.57 -7.18 -16.77
C SER B 75 5.74 -8.16 -16.77
N THR B 76 6.94 -7.61 -16.63
CA THR B 76 8.16 -8.43 -16.66
C THR B 76 9.10 -7.97 -15.57
N LEU B 77 9.57 -8.93 -14.76
CA LEU B 77 10.57 -8.69 -13.73
C LEU B 77 11.88 -9.32 -14.19
N LYS B 78 12.89 -8.49 -14.42
CA LYS B 78 14.20 -8.96 -14.86
C LYS B 78 15.19 -8.89 -13.70
N ILE B 79 16.05 -9.89 -13.61
CA ILE B 79 17.08 -9.97 -12.57
C ILE B 79 18.42 -10.20 -13.26
N GLN B 80 19.39 -9.36 -12.96
CA GLN B 80 20.72 -9.44 -13.53
C GLN B 80 21.71 -9.90 -12.47
N ARG B 81 22.66 -10.75 -12.89
CA ARG B 81 23.67 -11.28 -11.98
C ARG B 81 23.03 -11.94 -10.76
N THR B 82 22.11 -12.88 -11.04
CA THR B 82 21.35 -13.53 -9.98
C THR B 82 22.27 -14.17 -8.95
N GLN B 83 21.97 -13.95 -7.68
CA GLN B 83 22.73 -14.51 -6.58
C GLN B 83 21.93 -15.61 -5.89
N GLN B 84 22.62 -16.39 -5.07
CA GLN B 84 21.96 -17.44 -4.29
C GLN B 84 20.79 -16.87 -3.49
N GLU B 85 20.96 -15.64 -2.97
CA GLU B 85 19.92 -15.03 -2.15
C GLU B 85 18.66 -14.66 -2.95
N ASP B 86 18.72 -14.72 -4.28
CA ASP B 86 17.55 -14.45 -5.11
C ASP B 86 16.60 -15.64 -5.20
N SER B 87 17.01 -16.81 -4.71
CA SER B 87 16.18 -18.00 -4.80
C SER B 87 14.90 -17.82 -3.99
N ALA B 88 13.76 -17.88 -4.66
CA ALA B 88 12.46 -17.71 -4.01
C ALA B 88 11.34 -17.78 -5.04
N VAL B 89 10.09 -17.70 -4.57
CA VAL B 89 8.92 -17.67 -5.45
C VAL B 89 8.53 -16.23 -5.69
N TYR B 90 8.15 -15.91 -6.92
CA TYR B 90 7.78 -14.56 -7.31
C TYR B 90 6.33 -14.58 -7.79
N LEU B 91 5.45 -13.91 -7.04
CA LEU B 91 4.03 -13.92 -7.29
C LEU B 91 3.60 -12.64 -7.99
N CYS B 92 2.59 -12.78 -8.86
CA CYS B 92 1.98 -11.65 -9.54
C CYS B 92 0.48 -11.64 -9.22
N ALA B 93 -0.07 -10.45 -9.00
CA ALA B 93 -1.49 -10.30 -8.78
C ALA B 93 -1.99 -9.08 -9.55
N SER B 94 -3.21 -9.17 -10.06
CA SER B 94 -3.83 -8.08 -10.78
C SER B 94 -5.25 -7.89 -10.26
N SER B 95 -5.70 -6.64 -10.25
CA SER B 95 -7.03 -6.30 -9.78
CA SER B 95 -7.03 -6.30 -9.78
C SER B 95 -7.64 -5.25 -10.71
N LEU B 96 -8.97 -5.20 -10.73
CA LEU B 96 -9.66 -4.23 -11.57
C LEU B 96 -9.19 -2.82 -11.29
N ALA B 97 -9.02 -2.46 -10.02
CA ALA B 97 -8.59 -1.13 -9.62
C ALA B 97 -8.43 -1.09 -8.11
N GLY B 98 -7.20 -1.25 -7.62
CA GLY B 98 -6.97 -1.34 -6.20
C GLY B 98 -7.43 -2.69 -5.65
N LEU B 99 -7.23 -2.85 -4.35
CA LEU B 99 -7.51 -4.13 -3.67
C LEU B 99 -8.60 -3.99 -2.61
N ALA B 100 -9.50 -3.02 -2.74
CA ALA B 100 -10.56 -2.87 -1.77
C ALA B 100 -11.44 -4.11 -1.75
N GLY B 101 -11.98 -4.42 -0.58
CA GLY B 101 -12.86 -5.57 -0.43
C GLY B 101 -14.01 -5.57 -1.40
N GLY B 102 -14.12 -6.62 -2.22
CA GLY B 102 -15.16 -6.73 -3.21
C GLY B 102 -14.71 -6.42 -4.64
N VAL B 103 -13.51 -5.85 -4.81
CA VAL B 103 -12.99 -5.56 -6.13
C VAL B 103 -12.35 -6.81 -6.70
N GLU B 104 -12.62 -7.09 -7.97
CA GLU B 104 -12.10 -8.29 -8.61
C GLU B 104 -10.58 -8.33 -8.50
N GLN B 105 -10.05 -9.47 -8.10
CA GLN B 105 -8.61 -9.64 -7.95
C GLN B 105 -8.26 -11.11 -8.20
N PHE B 106 -7.03 -11.32 -8.69
CA PHE B 106 -6.54 -12.66 -8.97
C PHE B 106 -5.05 -12.71 -8.70
N PHE B 107 -4.62 -13.74 -7.98
CA PHE B 107 -3.20 -14.02 -7.84
C PHE B 107 -2.77 -15.04 -8.88
N GLY B 108 -1.53 -14.91 -9.32
CA GLY B 108 -0.96 -15.85 -10.25
C GLY B 108 -0.44 -17.08 -9.55
N PRO B 109 -0.18 -18.13 -10.34
CA PRO B 109 0.35 -19.37 -9.76
C PRO B 109 1.75 -19.22 -9.20
N GLY B 110 2.52 -18.23 -9.66
CA GLY B 110 3.84 -17.97 -9.14
C GLY B 110 4.93 -18.62 -9.99
N THR B 111 6.17 -18.22 -9.69
CA THR B 111 7.34 -18.75 -10.37
C THR B 111 8.43 -18.98 -9.33
N ARG B 112 8.83 -20.24 -9.15
CA ARG B 112 9.92 -20.59 -8.25
C ARG B 112 11.24 -20.48 -9.00
N LEU B 113 12.12 -19.61 -8.53
CA LEU B 113 13.41 -19.37 -9.19
C LEU B 113 14.52 -19.88 -8.27
N THR B 114 15.15 -20.98 -8.69
CA THR B 114 16.28 -21.56 -7.97
C THR B 114 17.57 -21.12 -8.64
N VAL B 115 18.40 -20.40 -7.90
CA VAL B 115 19.73 -20.00 -8.35
C VAL B 115 20.73 -21.03 -7.84
N LEU B 116 21.38 -21.73 -8.77
CA LEU B 116 22.31 -22.79 -8.44
C LEU B 116 23.75 -22.32 -8.67
N GLU B 117 24.67 -22.83 -7.85
CA GLU B 117 26.07 -22.50 -8.02
C GLU B 117 26.59 -23.01 -9.36
N ASP B 118 26.29 -24.26 -9.70
CA ASP B 118 26.74 -24.86 -10.94
C ASP B 118 25.65 -25.79 -11.46
N LEU B 119 25.45 -25.78 -12.77
CA LEU B 119 24.43 -26.62 -13.39
C LEU B 119 24.82 -28.10 -13.45
N LYS B 120 26.03 -28.46 -13.04
CA LYS B 120 26.42 -29.86 -13.05
C LYS B 120 25.72 -30.69 -11.97
N ASN B 121 24.87 -30.07 -11.15
CA ASN B 121 24.13 -30.78 -10.11
C ASN B 121 22.72 -31.13 -10.53
N VAL B 122 22.25 -30.63 -11.67
CA VAL B 122 20.88 -30.85 -12.10
C VAL B 122 20.74 -32.27 -12.64
N PHE B 123 19.78 -33.02 -12.08
CA PHE B 123 19.50 -34.38 -12.51
C PHE B 123 17.99 -34.56 -12.51
N PRO B 124 17.42 -35.10 -13.58
CA PRO B 124 15.98 -35.41 -13.59
C PRO B 124 15.68 -36.58 -12.68
N PRO B 125 14.42 -36.76 -12.29
CA PRO B 125 14.10 -37.85 -11.37
C PRO B 125 14.11 -39.20 -12.07
N GLU B 126 14.27 -40.24 -11.26
CA GLU B 126 14.20 -41.62 -11.73
C GLU B 126 12.97 -42.25 -11.08
N VAL B 127 11.94 -42.47 -11.89
CA VAL B 127 10.64 -42.90 -11.38
C VAL B 127 10.54 -44.42 -11.44
N ALA B 128 9.87 -44.99 -10.44
CA ALA B 128 9.59 -46.41 -10.38
C ALA B 128 8.23 -46.60 -9.73
N VAL B 129 7.54 -47.66 -10.13
CA VAL B 129 6.22 -47.98 -9.60
C VAL B 129 6.28 -49.34 -8.92
N PHE B 130 5.63 -49.45 -7.77
CA PHE B 130 5.61 -50.68 -6.98
C PHE B 130 4.17 -51.18 -6.91
N GLU B 131 3.98 -52.47 -7.19
CA GLU B 131 2.66 -53.07 -7.28
C GLU B 131 2.10 -53.38 -5.90
N PRO B 132 0.77 -53.43 -5.76
CA PRO B 132 0.17 -53.73 -4.47
C PRO B 132 0.55 -55.12 -3.98
N SER B 133 0.46 -55.30 -2.67
CA SER B 133 0.82 -56.57 -2.03
C SER B 133 -0.41 -57.45 -1.90
N GLU B 134 -0.28 -58.70 -2.34
CA GLU B 134 -1.38 -59.65 -2.18
C GLU B 134 -1.81 -59.78 -0.72
N ALA B 135 -0.86 -59.62 0.21
CA ALA B 135 -1.22 -59.60 1.62
C ALA B 135 -2.22 -58.49 1.91
N GLU B 136 -1.98 -57.30 1.37
CA GLU B 136 -2.92 -56.21 1.54
C GLU B 136 -4.29 -56.57 0.97
N ILE B 137 -4.31 -57.10 -0.25
CA ILE B 137 -5.58 -57.45 -0.88
C ILE B 137 -6.26 -58.60 -0.14
N SER B 138 -5.48 -59.44 0.54
CA SER B 138 -6.06 -60.55 1.30
C SER B 138 -6.72 -60.09 2.59
N HIS B 139 -6.34 -58.93 3.11
CA HIS B 139 -6.90 -58.41 4.35
C HIS B 139 -7.78 -57.19 4.09
N THR B 140 -7.20 -56.07 3.64
CA THR B 140 -7.98 -54.86 3.41
C THR B 140 -8.89 -54.96 2.19
N GLN B 141 -8.63 -55.90 1.29
CA GLN B 141 -9.37 -56.02 0.05
C GLN B 141 -9.20 -54.78 -0.83
N LYS B 142 -8.18 -53.97 -0.55
CA LYS B 142 -7.84 -52.80 -1.35
C LYS B 142 -6.44 -52.96 -1.90
N ALA B 143 -6.17 -52.31 -3.02
CA ALA B 143 -4.88 -52.38 -3.70
C ALA B 143 -4.24 -51.01 -3.69
N THR B 144 -2.98 -50.94 -3.23
CA THR B 144 -2.25 -49.70 -3.06
C THR B 144 -1.00 -49.72 -3.92
N LEU B 145 -0.98 -48.88 -4.96
CA LEU B 145 0.23 -48.66 -5.75
C LEU B 145 1.03 -47.52 -5.14
N VAL B 146 2.35 -47.67 -5.15
CA VAL B 146 3.26 -46.67 -4.60
C VAL B 146 4.22 -46.24 -5.71
N CYS B 147 4.39 -44.93 -5.87
CA CYS B 147 5.33 -44.38 -6.83
C CYS B 147 6.49 -43.74 -6.09
N LEU B 148 7.69 -43.89 -6.63
CA LEU B 148 8.91 -43.44 -5.97
C LEU B 148 9.81 -42.78 -7.00
N ALA B 149 10.02 -41.47 -6.86
CA ALA B 149 10.91 -40.71 -7.72
C ALA B 149 12.14 -40.30 -6.91
N THR B 150 13.33 -40.58 -7.44
CA THR B 150 14.57 -40.39 -6.71
C THR B 150 15.59 -39.64 -7.57
N GLY B 151 16.56 -39.04 -6.88
CA GLY B 151 17.75 -38.54 -7.53
C GLY B 151 17.59 -37.27 -8.33
N PHE B 152 16.48 -36.54 -8.15
CA PHE B 152 16.30 -35.31 -8.90
C PHE B 152 16.80 -34.11 -8.09
N TYR B 153 17.07 -33.02 -8.81
CA TYR B 153 17.62 -31.81 -8.22
C TYR B 153 17.55 -30.67 -9.22
N PRO B 154 17.01 -29.51 -8.83
CA PRO B 154 16.41 -29.18 -7.53
C PRO B 154 15.10 -29.94 -7.33
N ASP B 155 14.27 -29.52 -6.39
CA ASP B 155 12.97 -30.18 -6.16
C ASP B 155 11.88 -29.48 -6.97
N HIS B 156 12.04 -29.54 -8.30
CA HIS B 156 11.09 -28.99 -9.25
C HIS B 156 10.38 -30.17 -9.93
N VAL B 157 9.46 -30.80 -9.20
CA VAL B 157 8.75 -31.97 -9.68
C VAL B 157 7.27 -31.83 -9.36
N GLU B 158 6.43 -32.29 -10.27
CA GLU B 158 4.98 -32.33 -10.07
C GLU B 158 4.50 -33.72 -10.48
N LEU B 159 3.97 -34.47 -9.51
CA LEU B 159 3.62 -35.86 -9.70
C LEU B 159 2.11 -36.02 -9.86
N SER B 160 1.71 -37.06 -10.59
CA SER B 160 0.29 -37.32 -10.83
CA SER B 160 0.30 -37.33 -10.84
C SER B 160 0.14 -38.79 -11.19
N TRP B 161 -1.11 -39.27 -11.14
CA TRP B 161 -1.47 -40.64 -11.46
C TRP B 161 -2.46 -40.68 -12.60
N TRP B 162 -2.30 -41.66 -13.49
CA TRP B 162 -3.15 -41.80 -14.67
C TRP B 162 -3.58 -43.25 -14.79
N VAL B 163 -4.89 -43.49 -14.67
CA VAL B 163 -5.48 -44.82 -14.80
C VAL B 163 -6.19 -44.88 -16.15
N ASN B 164 -5.71 -45.74 -17.04
CA ASN B 164 -6.25 -45.86 -18.39
C ASN B 164 -6.37 -44.49 -19.06
N GLY B 165 -5.27 -43.74 -19.05
CA GLY B 165 -5.20 -42.46 -19.72
C GLY B 165 -5.97 -41.35 -19.06
N LYS B 166 -6.40 -41.51 -17.81
CA LYS B 166 -7.17 -40.50 -17.09
C LYS B 166 -6.40 -40.09 -15.84
N GLU B 167 -6.27 -38.78 -15.63
CA GLU B 167 -5.65 -38.28 -14.41
C GLU B 167 -6.67 -38.32 -13.28
N VAL B 168 -6.40 -39.15 -12.28
CA VAL B 168 -7.31 -39.32 -11.16
C VAL B 168 -6.78 -38.58 -9.95
N HIS B 169 -7.68 -38.19 -9.07
CA HIS B 169 -7.33 -37.54 -7.81
C HIS B 169 -7.85 -38.29 -6.58
N SER B 170 -8.96 -39.00 -6.71
CA SER B 170 -9.44 -39.82 -5.60
C SER B 170 -8.45 -40.94 -5.31
N GLY B 171 -8.30 -41.28 -4.04
CA GLY B 171 -7.39 -42.33 -3.65
C GLY B 171 -5.93 -41.99 -3.83
N VAL B 172 -5.57 -40.71 -3.79
CA VAL B 172 -4.20 -40.25 -3.97
C VAL B 172 -3.80 -39.39 -2.80
N CYS B 173 -2.56 -39.55 -2.34
CA CYS B 173 -1.93 -38.57 -1.48
C CYS B 173 -0.43 -38.61 -1.73
N THR B 174 0.13 -37.46 -2.09
CA THR B 174 1.55 -37.32 -2.38
C THR B 174 2.23 -36.61 -1.22
N ASP B 175 3.51 -36.91 -1.03
CA ASP B 175 4.25 -36.30 0.05
C ASP B 175 4.16 -34.77 -0.04
N PRO B 176 3.92 -34.08 1.08
CA PRO B 176 3.86 -32.62 1.02
C PRO B 176 5.17 -31.98 0.58
N GLN B 177 6.31 -32.57 0.97
CA GLN B 177 7.62 -32.01 0.69
C GLN B 177 8.59 -33.12 0.33
N PRO B 178 9.45 -32.91 -0.67
CA PRO B 178 10.44 -33.93 -1.03
C PRO B 178 11.35 -34.27 0.15
N LEU B 179 12.01 -35.42 0.02
CA LEU B 179 12.88 -35.96 1.06
C LEU B 179 14.32 -35.97 0.54
N LYS B 180 15.20 -35.25 1.22
CA LYS B 180 16.60 -35.18 0.81
C LYS B 180 17.31 -36.47 1.15
N GLU B 181 17.86 -37.13 0.13
CA GLU B 181 18.50 -38.43 0.33
C GLU B 181 19.80 -38.31 1.12
N GLN B 182 20.55 -37.24 0.90
CA GLN B 182 21.78 -36.98 1.65
C GLN B 182 21.51 -35.92 2.70
N PRO B 183 20.99 -36.29 3.87
CA PRO B 183 20.64 -35.28 4.87
C PRO B 183 21.78 -34.31 5.20
N ALA B 184 23.02 -34.81 5.27
CA ALA B 184 24.13 -33.94 5.61
C ALA B 184 24.56 -33.10 4.40
N LEU B 185 24.49 -33.65 3.20
CA LEU B 185 24.92 -32.94 2.01
C LEU B 185 24.07 -31.70 1.77
N ASN B 186 24.71 -30.61 1.36
CA ASN B 186 23.99 -29.38 1.07
C ASN B 186 23.20 -29.50 -0.23
N ASP B 187 23.88 -29.83 -1.32
CA ASP B 187 23.24 -30.01 -2.62
C ASP B 187 22.68 -31.42 -2.80
N SER B 188 22.20 -32.03 -1.72
CA SER B 188 21.66 -33.38 -1.78
C SER B 188 20.52 -33.46 -2.80
N ARG B 189 20.42 -34.61 -3.46
CA ARG B 189 19.30 -34.88 -4.34
C ARG B 189 18.09 -35.33 -3.51
N TYR B 190 16.91 -35.15 -4.08
CA TYR B 190 15.67 -35.39 -3.35
C TYR B 190 14.97 -36.66 -3.85
N ALA B 191 13.92 -37.03 -3.14
CA ALA B 191 13.09 -38.17 -3.49
C ALA B 191 11.66 -37.87 -3.05
N LEU B 192 10.69 -38.24 -3.87
CA LEU B 192 9.29 -38.00 -3.60
C LEU B 192 8.52 -39.30 -3.74
N SER B 193 7.61 -39.55 -2.79
CA SER B 193 6.77 -40.73 -2.83
C SER B 193 5.31 -40.31 -2.99
N SER B 194 4.50 -41.25 -3.47
CA SER B 194 3.07 -41.03 -3.67
C SER B 194 2.39 -42.38 -3.73
N ARG B 195 1.09 -42.37 -3.46
CA ARG B 195 0.31 -43.60 -3.45
C ARG B 195 -1.02 -43.39 -4.15
N LEU B 196 -1.47 -44.42 -4.87
CA LEU B 196 -2.79 -44.48 -5.46
C LEU B 196 -3.46 -45.76 -4.99
N ARG B 197 -4.73 -45.66 -4.61
CA ARG B 197 -5.43 -46.78 -4.00
C ARG B 197 -6.79 -46.97 -4.65
N VAL B 198 -7.06 -48.20 -5.08
CA VAL B 198 -8.33 -48.59 -5.68
C VAL B 198 -8.74 -49.94 -5.10
N SER B 199 -9.93 -50.40 -5.47
CA SER B 199 -10.40 -51.69 -5.01
C SER B 199 -9.58 -52.82 -5.63
N ALA B 200 -9.58 -53.96 -4.94
CA ALA B 200 -8.90 -55.14 -5.48
C ALA B 200 -9.49 -55.55 -6.83
N THR B 201 -10.79 -55.29 -7.05
CA THR B 201 -11.40 -55.60 -8.33
C THR B 201 -10.80 -54.79 -9.47
N PHE B 202 -10.19 -53.64 -9.18
CA PHE B 202 -9.62 -52.82 -10.24
C PHE B 202 -8.20 -53.25 -10.56
N TRP B 203 -7.42 -53.64 -9.55
CA TRP B 203 -6.07 -54.13 -9.79
C TRP B 203 -6.10 -55.53 -10.40
N GLN B 204 -7.04 -56.37 -9.98
CA GLN B 204 -7.14 -57.71 -10.53
C GLN B 204 -7.42 -57.68 -12.03
N ASN B 205 -8.20 -56.72 -12.48
CA ASN B 205 -8.48 -56.58 -13.90
C ASN B 205 -7.19 -56.25 -14.64
N PRO B 206 -6.58 -57.23 -15.32
CA PRO B 206 -5.29 -56.97 -15.98
C PRO B 206 -5.41 -56.03 -17.18
N ARG B 207 -6.62 -55.66 -17.58
CA ARG B 207 -6.81 -54.76 -18.71
C ARG B 207 -6.62 -53.30 -18.32
N ASN B 208 -6.46 -53.00 -17.04
CA ASN B 208 -6.27 -51.63 -16.59
C ASN B 208 -4.80 -51.24 -16.62
N HIS B 209 -4.55 -49.96 -16.86
CA HIS B 209 -3.20 -49.42 -16.96
C HIS B 209 -3.04 -48.29 -15.95
N PHE B 210 -1.97 -48.34 -15.18
CA PHE B 210 -1.65 -47.33 -14.17
C PHE B 210 -0.33 -46.68 -14.53
N ARG B 211 -0.31 -45.35 -14.53
CA ARG B 211 0.88 -44.58 -14.90
C ARG B 211 1.14 -43.53 -13.84
N CYS B 212 2.39 -43.48 -13.37
CA CYS B 212 2.86 -42.42 -12.48
C CYS B 212 3.65 -41.43 -13.32
N GLN B 213 3.13 -40.22 -13.45
CA GLN B 213 3.76 -39.18 -14.24
C GLN B 213 4.47 -38.18 -13.33
N VAL B 214 5.69 -37.80 -13.70
CA VAL B 214 6.48 -36.84 -12.95
C VAL B 214 6.98 -35.79 -13.93
N GLN B 215 6.47 -34.57 -13.80
CA GLN B 215 6.94 -33.45 -14.59
C GLN B 215 8.13 -32.82 -13.86
N PHE B 216 9.30 -32.84 -14.51
CA PHE B 216 10.50 -32.24 -13.97
C PHE B 216 10.82 -30.96 -14.72
N TYR B 217 11.32 -29.96 -14.00
CA TYR B 217 11.70 -28.68 -14.58
C TYR B 217 13.21 -28.53 -14.44
N GLY B 218 13.91 -28.55 -15.56
CA GLY B 218 15.34 -28.37 -15.56
C GLY B 218 15.78 -27.23 -16.48
N LEU B 219 16.73 -27.50 -17.36
CA LEU B 219 17.23 -26.49 -18.26
C LEU B 219 16.33 -26.35 -19.49
N SER B 220 16.45 -25.21 -20.16
CA SER B 220 15.76 -24.96 -21.42
C SER B 220 16.72 -25.14 -22.59
N GLU B 221 16.16 -25.05 -23.80
CA GLU B 221 16.99 -25.22 -25.00
C GLU B 221 18.16 -24.25 -24.99
N ASN B 222 17.95 -23.03 -24.49
CA ASN B 222 19.01 -22.03 -24.44
C ASN B 222 19.72 -22.17 -23.09
N ASP B 223 20.62 -23.15 -23.02
CA ASP B 223 21.41 -23.39 -21.82
C ASP B 223 22.69 -24.11 -22.21
N GLU B 224 23.81 -23.65 -21.67
CA GLU B 224 25.12 -24.22 -21.99
C GLU B 224 25.27 -25.55 -21.27
N TRP B 225 25.20 -26.65 -22.03
CA TRP B 225 25.39 -27.99 -21.49
C TRP B 225 26.50 -28.67 -22.28
N THR B 226 27.58 -29.04 -21.59
CA THR B 226 28.73 -29.66 -22.24
C THR B 226 29.03 -31.08 -21.78
N GLN B 227 28.62 -31.46 -20.57
CA GLN B 227 28.87 -32.81 -20.10
C GLN B 227 28.28 -33.84 -21.05
N ASP B 228 28.91 -35.02 -21.09
CA ASP B 228 28.48 -36.07 -21.98
C ASP B 228 27.19 -36.75 -21.53
N ARG B 229 26.77 -36.56 -20.28
CA ARG B 229 25.47 -37.06 -19.87
C ARG B 229 24.36 -36.34 -20.64
N ALA B 230 23.17 -36.91 -20.59
CA ALA B 230 22.03 -36.30 -21.27
C ALA B 230 21.67 -34.97 -20.61
N LYS B 231 21.43 -33.96 -21.44
CA LYS B 231 21.09 -32.64 -20.95
C LYS B 231 19.88 -32.74 -20.01
N PRO B 232 20.01 -32.31 -18.75
CA PRO B 232 18.90 -32.44 -17.78
C PRO B 232 17.85 -31.36 -17.97
N VAL B 233 17.13 -31.45 -19.09
CA VAL B 233 16.16 -30.43 -19.46
C VAL B 233 14.80 -30.75 -18.84
N THR B 234 13.88 -29.79 -18.89
CA THR B 234 12.51 -30.04 -18.46
C THR B 234 11.94 -31.20 -19.27
N GLN B 235 11.31 -32.16 -18.56
CA GLN B 235 10.85 -33.38 -19.20
C GLN B 235 9.85 -34.06 -18.28
N ILE B 236 9.29 -35.16 -18.77
CA ILE B 236 8.33 -35.97 -18.00
C ILE B 236 8.90 -37.37 -17.89
N VAL B 237 9.19 -37.80 -16.67
CA VAL B 237 9.63 -39.16 -16.38
C VAL B 237 8.44 -39.94 -15.83
N SER B 238 8.18 -41.10 -16.42
CA SER B 238 7.02 -41.91 -16.05
C SER B 238 7.43 -43.35 -15.81
N ALA B 239 6.67 -44.02 -14.96
CA ALA B 239 6.82 -45.45 -14.72
C ALA B 239 5.42 -46.07 -14.70
N GLU B 240 5.21 -47.08 -15.52
CA GLU B 240 3.89 -47.65 -15.72
C GLU B 240 3.78 -49.01 -15.04
N ALA B 241 2.55 -49.46 -14.86
CA ALA B 241 2.27 -50.76 -14.27
C ALA B 241 0.90 -51.22 -14.73
N TRP B 242 0.71 -52.53 -14.77
CA TRP B 242 -0.54 -53.14 -15.22
C TRP B 242 -1.07 -54.07 -14.14
N GLY B 243 -2.39 -54.19 -14.09
CA GLY B 243 -3.03 -55.05 -13.12
C GLY B 243 -2.58 -56.50 -13.25
N ARG B 244 -2.88 -57.27 -12.21
CA ARG B 244 -2.54 -58.69 -12.18
C ARG B 244 -3.61 -59.49 -11.46
N GLY C 1 -12.64 25.23 20.31
CA GLY C 1 -14.01 24.78 20.23
C GLY C 1 -14.28 23.78 19.12
N SER C 2 -14.23 24.27 17.88
CA SER C 2 -14.49 23.45 16.69
C SER C 2 -13.21 23.38 15.86
N HIS C 3 -12.60 22.21 15.80
CA HIS C 3 -11.32 22.01 15.15
C HIS C 3 -11.50 21.22 13.85
N SER C 4 -10.41 21.12 13.10
CA SER C 4 -10.47 20.40 11.82
C SER C 4 -9.04 20.14 11.35
N MET C 5 -8.90 19.04 10.60
CA MET C 5 -7.65 18.70 9.93
C MET C 5 -7.85 18.82 8.43
N ARG C 6 -6.86 19.37 7.73
CA ARG C 6 -6.98 19.63 6.31
C ARG C 6 -5.67 19.32 5.60
N TYR C 7 -5.76 18.67 4.45
CA TYR C 7 -4.63 18.42 3.58
C TYR C 7 -4.87 19.09 2.24
N PHE C 8 -3.79 19.65 1.67
CA PHE C 8 -3.84 20.30 0.37
C PHE C 8 -2.79 19.65 -0.52
N TYR C 9 -3.21 19.16 -1.67
CA TYR C 9 -2.32 18.53 -2.64
C TYR C 9 -2.27 19.37 -3.91
N THR C 10 -1.07 19.60 -4.42
CA THR C 10 -0.88 20.29 -5.68
C THR C 10 0.09 19.50 -6.56
N ALA C 11 -0.32 19.22 -7.78
CA ALA C 11 0.54 18.60 -8.78
C ALA C 11 0.54 19.47 -10.03
N VAL C 12 1.73 19.86 -10.49
CA VAL C 12 1.88 20.73 -11.64
C VAL C 12 2.78 20.03 -12.64
N SER C 13 2.27 19.78 -13.84
CA SER C 13 3.07 19.21 -14.90
C SER C 13 3.92 20.29 -15.54
N ARG C 14 5.18 19.97 -15.81
CA ARG C 14 6.15 20.91 -16.35
C ARG C 14 6.86 20.23 -17.52
N PRO C 15 6.20 20.14 -18.67
CA PRO C 15 6.79 19.41 -19.80
C PRO C 15 8.18 19.91 -20.15
N GLY C 16 9.06 18.98 -20.47
CA GLY C 16 10.43 19.32 -20.81
C GLY C 16 11.25 19.86 -19.67
N ARG C 17 10.81 19.64 -18.43
CA ARG C 17 11.55 20.13 -17.26
C ARG C 17 11.47 19.14 -16.10
N GLY C 18 11.25 17.87 -16.40
CA GLY C 18 11.20 16.82 -15.40
C GLY C 18 9.78 16.33 -15.18
N GLU C 19 9.68 15.36 -14.27
CA GLU C 19 8.38 14.81 -13.91
C GLU C 19 7.54 15.86 -13.17
N PRO C 20 6.22 15.75 -13.23
CA PRO C 20 5.37 16.72 -12.53
C PRO C 20 5.78 16.87 -11.08
N ARG C 21 5.62 18.09 -10.56
CA ARG C 21 5.95 18.38 -9.18
C ARG C 21 4.74 18.13 -8.29
N PHE C 22 4.99 17.55 -7.11
CA PHE C 22 3.94 17.25 -6.15
C PHE C 22 4.28 17.87 -4.81
N ILE C 23 3.38 18.69 -4.29
CA ILE C 23 3.53 19.31 -2.98
C ILE C 23 2.32 18.93 -2.14
N ALA C 24 2.54 18.71 -0.84
CA ALA C 24 1.47 18.39 0.09
C ALA C 24 1.74 19.09 1.40
N VAL C 25 0.74 19.78 1.93
CA VAL C 25 0.81 20.40 3.25
C VAL C 25 -0.39 19.93 4.06
N GLY C 26 -0.18 19.80 5.37
CA GLY C 26 -1.25 19.44 6.27
C GLY C 26 -1.43 20.44 7.38
N TYR C 27 -2.68 20.83 7.63
CA TYR C 27 -3.00 21.83 8.65
C TYR C 27 -3.91 21.22 9.70
N VAL C 28 -3.68 21.59 10.95
CA VAL C 28 -4.64 21.40 12.03
C VAL C 28 -5.14 22.79 12.39
N ASP C 29 -6.34 23.13 11.93
CA ASP C 29 -6.85 24.48 12.02
C ASP C 29 -6.05 25.40 11.11
N ASP C 30 -5.38 26.40 11.68
CA ASP C 30 -4.51 27.30 10.93
C ASP C 30 -3.04 27.02 11.17
N THR C 31 -2.71 25.85 11.73
CA THR C 31 -1.33 25.49 12.06
C THR C 31 -0.90 24.33 11.16
N GLN C 32 0.03 24.60 10.26
CA GLN C 32 0.57 23.55 9.40
C GLN C 32 1.52 22.66 10.19
N PHE C 33 1.35 21.34 10.06
CA PHE C 33 2.15 20.40 10.82
C PHE C 33 2.98 19.44 9.96
N VAL C 34 2.71 19.32 8.66
CA VAL C 34 3.45 18.41 7.81
C VAL C 34 3.62 19.02 6.43
N ARG C 35 4.76 18.73 5.80
CA ARG C 35 5.04 19.17 4.44
C ARG C 35 5.77 18.06 3.69
N PHE C 36 5.49 17.98 2.38
CA PHE C 36 6.21 17.07 1.51
C PHE C 36 6.38 17.72 0.15
N ASP C 37 7.62 17.80 -0.32
CA ASP C 37 7.95 18.37 -1.61
C ASP C 37 8.70 17.32 -2.43
N SER C 38 8.17 16.99 -3.60
CA SER C 38 8.81 15.97 -4.44
C SER C 38 10.10 16.45 -5.07
N ASP C 39 10.41 17.75 -4.98
CA ASP C 39 11.62 18.30 -5.59
C ASP C 39 12.80 18.38 -4.62
N ALA C 40 12.60 18.08 -3.34
CA ALA C 40 13.70 18.10 -2.39
C ALA C 40 14.68 16.97 -2.70
N ALA C 41 15.97 17.23 -2.43
CA ALA C 41 16.99 16.22 -2.67
C ALA C 41 16.68 14.95 -1.90
N SER C 42 16.18 15.07 -0.67
CA SER C 42 15.78 13.94 0.15
C SER C 42 14.27 14.02 0.39
N PRO C 43 13.46 13.76 -0.64
CA PRO C 43 12.01 13.89 -0.49
C PRO C 43 11.47 12.98 0.61
N ARG C 44 11.06 13.57 1.72
CA ARG C 44 10.48 12.84 2.83
C ARG C 44 9.46 13.74 3.52
N GLY C 45 8.59 13.11 4.31
CA GLY C 45 7.63 13.86 5.11
C GLY C 45 8.31 14.49 6.30
N GLU C 46 8.32 15.83 6.36
CA GLU C 46 9.01 16.54 7.42
C GLU C 46 8.00 17.21 8.33
N PRO C 47 8.17 17.09 9.66
CA PRO C 47 7.26 17.81 10.57
C PRO C 47 7.48 19.31 10.51
N ARG C 48 6.38 20.05 10.64
CA ARG C 48 6.43 21.51 10.66
C ARG C 48 5.83 22.09 11.94
N ALA C 49 5.54 21.25 12.93
CA ALA C 49 5.00 21.69 14.21
C ALA C 49 5.62 20.88 15.33
N PRO C 50 5.82 21.49 16.50
CA PRO C 50 6.53 20.79 17.58
C PRO C 50 5.66 19.82 18.36
N TRP C 51 4.56 19.35 17.75
CA TRP C 51 3.67 18.39 18.38
C TRP C 51 3.42 17.19 17.48
N VAL C 52 4.39 16.85 16.63
CA VAL C 52 4.25 15.73 15.71
C VAL C 52 5.61 15.06 15.56
N GLU C 53 6.66 15.73 16.01
CA GLU C 53 8.01 15.19 15.88
C GLU C 53 8.24 14.01 16.81
N GLN C 54 7.51 13.93 17.92
CA GLN C 54 7.66 12.84 18.88
C GLN C 54 6.84 11.61 18.51
N GLU C 55 6.67 11.34 17.21
CA GLU C 55 5.86 10.22 16.76
C GLU C 55 6.68 8.98 16.42
N GLY C 56 7.98 9.12 16.18
CA GLY C 56 8.82 7.97 15.93
C GLY C 56 9.02 7.71 14.45
N PRO C 57 10.08 6.95 14.12
CA PRO C 57 10.37 6.69 12.69
C PRO C 57 9.28 5.89 11.99
N GLU C 58 8.63 4.96 12.70
CA GLU C 58 7.54 4.19 12.09
C GLU C 58 6.48 5.11 11.50
N TYR C 59 6.14 6.19 12.22
CA TYR C 59 5.09 7.09 11.76
C TYR C 59 5.56 7.93 10.57
N TRP C 60 6.80 8.44 10.62
CA TRP C 60 7.25 9.35 9.58
C TRP C 60 7.66 8.62 8.30
N ASP C 61 8.31 7.46 8.44
CA ASP C 61 8.61 6.65 7.26
C ASP C 61 7.34 6.16 6.59
N ARG C 62 6.24 6.05 7.35
CA ARG C 62 4.97 5.63 6.77
C ARG C 62 4.35 6.75 5.93
N GLU C 63 4.50 8.01 6.38
CA GLU C 63 4.01 9.13 5.60
C GLU C 63 4.87 9.37 4.36
N THR C 64 6.19 9.23 4.49
CA THR C 64 7.08 9.40 3.36
C THR C 64 6.69 8.46 2.22
N GLN C 65 6.60 7.15 2.51
CA GLN C 65 6.18 6.21 1.49
C GLN C 65 4.79 6.54 0.97
N LYS C 66 3.89 6.94 1.86
CA LYS C 66 2.55 7.34 1.45
C LYS C 66 2.61 8.47 0.43
N TYR C 67 3.40 9.51 0.72
CA TYR C 67 3.48 10.66 -0.19
C TYR C 67 4.19 10.29 -1.49
N LYS C 68 5.27 9.52 -1.40
CA LYS C 68 6.00 9.14 -2.61
C LYS C 68 5.08 8.40 -3.59
N ARG C 69 4.18 7.56 -3.08
CA ARG C 69 3.23 6.88 -3.95
C ARG C 69 2.19 7.86 -4.49
N GLN C 70 1.66 8.71 -3.62
CA GLN C 70 0.64 9.67 -4.07
C GLN C 70 1.17 10.56 -5.19
N ALA C 71 2.43 10.95 -5.12
CA ALA C 71 3.02 11.76 -6.18
C ALA C 71 3.08 10.99 -7.49
N GLN C 72 3.29 9.67 -7.44
CA GLN C 72 3.25 8.86 -8.64
C GLN C 72 1.84 8.76 -9.20
N ALA C 73 0.85 8.63 -8.31
CA ALA C 73 -0.55 8.58 -8.76
C ALA C 73 -0.96 9.88 -9.44
N ASP C 74 -0.57 11.02 -8.85
CA ASP C 74 -0.92 12.30 -9.44
C ASP C 74 -0.30 12.49 -10.81
N ARG C 75 0.91 11.95 -11.03
CA ARG C 75 1.49 12.00 -12.37
C ARG C 75 0.65 11.18 -13.34
N VAL C 76 0.09 10.06 -12.89
CA VAL C 76 -0.85 9.32 -13.73
C VAL C 76 -2.10 10.15 -13.98
N SER C 77 -2.60 10.81 -12.93
CA SER C 77 -3.81 11.61 -13.08
C SER C 77 -3.62 12.73 -14.11
N LEU C 78 -2.45 13.38 -14.09
CA LEU C 78 -2.21 14.45 -15.05
C LEU C 78 -2.25 13.93 -16.49
N ARG C 79 -1.65 12.77 -16.74
CA ARG C 79 -1.74 12.17 -18.07
C ARG C 79 -3.18 11.85 -18.42
N ASN C 80 -3.95 11.32 -17.47
CA ASN C 80 -5.33 10.93 -17.75
C ASN C 80 -6.20 12.15 -18.01
N LEU C 81 -6.13 13.16 -17.13
CA LEU C 81 -6.87 14.39 -17.37
C LEU C 81 -6.47 15.01 -18.70
N ARG C 82 -5.17 15.03 -19.00
CA ARG C 82 -4.70 15.54 -20.29
C ARG C 82 -5.37 14.80 -21.44
N GLY C 83 -5.44 13.46 -21.34
CA GLY C 83 -6.05 12.68 -22.40
C GLY C 83 -7.56 12.84 -22.48
N TYR C 84 -8.20 13.16 -21.35
CA TYR C 84 -9.65 13.37 -21.36
C TYR C 84 -10.02 14.59 -22.21
N TYR C 85 -9.19 15.63 -22.18
CA TYR C 85 -9.48 16.88 -22.87
C TYR C 85 -8.71 17.06 -24.16
N ASN C 86 -7.95 16.05 -24.58
CA ASN C 86 -7.13 16.14 -25.80
C ASN C 86 -6.19 17.34 -25.73
N GLN C 87 -5.53 17.50 -24.59
CA GLN C 87 -4.68 18.65 -24.34
C GLN C 87 -3.26 18.38 -24.83
N SER C 88 -2.67 19.39 -25.47
CA SER C 88 -1.32 19.26 -26.00
C SER C 88 -0.36 18.72 -24.95
N GLU C 89 0.71 18.08 -25.43
CA GLU C 89 1.73 17.54 -24.55
C GLU C 89 2.69 18.62 -24.04
N ALA C 90 2.81 19.74 -24.75
CA ALA C 90 3.73 20.81 -24.39
C ALA C 90 3.07 21.87 -23.51
N GLY C 91 1.98 21.53 -22.82
CA GLY C 91 1.28 22.46 -21.95
C GLY C 91 1.47 22.09 -20.49
N SER C 92 1.47 23.10 -19.64
CA SER C 92 1.55 22.91 -18.20
C SER C 92 0.15 22.91 -17.60
N HIS C 93 -0.10 21.98 -16.68
CA HIS C 93 -1.43 21.83 -16.10
C HIS C 93 -1.30 21.56 -14.61
N THR C 94 -2.39 21.83 -13.89
CA THR C 94 -2.39 21.80 -12.44
C THR C 94 -3.53 20.94 -11.94
N LEU C 95 -3.22 20.04 -10.99
CA LEU C 95 -4.21 19.27 -10.27
C LEU C 95 -4.15 19.66 -8.80
N GLN C 96 -5.31 19.88 -8.20
CA GLN C 96 -5.41 20.23 -6.79
C GLN C 96 -6.45 19.36 -6.12
N ARG C 97 -6.14 18.88 -4.92
CA ARG C 97 -7.10 18.18 -4.09
C ARG C 97 -7.02 18.72 -2.68
N MET C 98 -8.17 18.80 -2.02
CA MET C 98 -8.25 19.25 -0.63
CA MET C 98 -8.24 19.25 -0.63
C MET C 98 -9.25 18.38 0.10
N TYR C 99 -8.84 17.84 1.24
CA TYR C 99 -9.73 16.98 2.02
C TYR C 99 -9.42 17.19 3.51
N GLY C 100 -10.39 16.81 4.33
CA GLY C 100 -10.22 16.92 5.76
C GLY C 100 -11.51 16.60 6.48
N CYS C 101 -11.46 16.74 7.80
CA CYS C 101 -12.59 16.44 8.67
C CYS C 101 -12.79 17.57 9.66
N ASP C 102 -14.05 17.95 9.87
CA ASP C 102 -14.41 18.94 10.88
C ASP C 102 -14.85 18.20 12.12
N LEU C 103 -14.06 18.29 13.19
CA LEU C 103 -14.37 17.65 14.47
C LEU C 103 -15.25 18.62 15.26
N GLY C 104 -16.56 18.43 15.18
CA GLY C 104 -17.48 19.28 15.90
C GLY C 104 -17.22 19.29 17.38
N PRO C 105 -17.69 20.32 18.07
CA PRO C 105 -17.50 20.38 19.53
C PRO C 105 -18.04 19.16 20.26
N ASP C 106 -18.93 18.40 19.63
CA ASP C 106 -19.40 17.14 20.20
C ASP C 106 -18.28 16.12 20.34
N GLY C 107 -17.10 16.40 19.81
CA GLY C 107 -16.00 15.46 19.85
C GLY C 107 -16.07 14.35 18.82
N ARG C 108 -17.01 14.44 17.87
CA ARG C 108 -17.18 13.44 16.82
C ARG C 108 -17.11 14.12 15.46
N LEU C 109 -16.98 13.29 14.42
CA LEU C 109 -16.94 13.80 13.05
C LEU C 109 -18.20 14.60 12.73
N LEU C 110 -18.04 15.91 12.54
CA LEU C 110 -19.18 16.74 12.14
C LEU C 110 -19.42 16.68 10.64
N ARG C 111 -18.36 16.53 9.84
CA ARG C 111 -18.50 16.37 8.41
C ARG C 111 -17.14 16.16 7.74
N GLY C 112 -17.10 15.33 6.71
CA GLY C 112 -15.88 15.11 5.95
C GLY C 112 -16.01 15.63 4.53
N TYR C 113 -14.88 15.92 3.89
CA TYR C 113 -14.93 16.53 2.56
C TYR C 113 -13.71 16.14 1.76
N ASP C 114 -13.90 16.08 0.44
CA ASP C 114 -12.82 15.79 -0.51
C ASP C 114 -13.23 16.36 -1.86
N GLN C 115 -12.46 17.32 -2.37
CA GLN C 115 -12.78 17.94 -3.65
C GLN C 115 -11.50 18.20 -4.43
N SER C 116 -11.64 18.23 -5.75
CA SER C 116 -10.50 18.34 -6.65
C SER C 116 -10.79 19.39 -7.71
N ALA C 117 -9.72 19.96 -8.25
CA ALA C 117 -9.82 20.93 -9.34
C ALA C 117 -8.76 20.63 -10.37
N TYR C 118 -9.07 20.93 -11.63
CA TYR C 118 -8.14 20.80 -12.74
C TYR C 118 -8.02 22.15 -13.43
N ASP C 119 -6.83 22.74 -13.39
CA ASP C 119 -6.59 24.06 -13.96
C ASP C 119 -7.50 25.12 -13.31
N GLY C 120 -7.65 25.02 -11.99
CA GLY C 120 -8.44 25.97 -11.24
C GLY C 120 -9.94 25.79 -11.34
N LYS C 121 -10.41 24.70 -11.94
CA LYS C 121 -11.83 24.46 -12.16
C LYS C 121 -12.30 23.28 -11.33
N ASP C 122 -13.43 23.45 -10.64
CA ASP C 122 -14.04 22.34 -9.93
C ASP C 122 -14.17 21.12 -10.85
N TYR C 123 -13.59 20.00 -10.44
CA TYR C 123 -13.61 18.78 -11.25
C TYR C 123 -14.55 17.74 -10.64
N ILE C 124 -14.20 17.21 -9.47
CA ILE C 124 -15.03 16.19 -8.82
C ILE C 124 -14.99 16.45 -7.32
N ALA C 125 -16.11 16.13 -6.66
CA ALA C 125 -16.24 16.35 -5.23
C ALA C 125 -16.97 15.19 -4.58
N LEU C 126 -16.49 14.79 -3.41
CA LEU C 126 -17.19 13.79 -2.61
C LEU C 126 -18.40 14.43 -1.96
N ASN C 127 -19.56 13.78 -2.10
CA ASN C 127 -20.79 14.33 -1.54
C ASN C 127 -20.79 14.25 -0.02
N GLU C 128 -21.68 15.03 0.59
CA GLU C 128 -21.73 15.12 2.04
C GLU C 128 -22.10 13.79 2.69
N ASP C 129 -22.83 12.93 1.97
CA ASP C 129 -23.19 11.63 2.52
C ASP C 129 -22.07 10.62 2.45
N LEU C 130 -20.92 10.98 1.87
CA LEU C 130 -19.74 10.13 1.83
C LEU C 130 -19.98 8.84 1.06
N ARG C 131 -21.05 8.79 0.27
CA ARG C 131 -21.40 7.58 -0.47
C ARG C 131 -21.25 7.72 -1.98
N SER C 132 -21.18 8.95 -2.51
CA SER C 132 -21.19 9.15 -3.94
C SER C 132 -20.40 10.42 -4.27
N TRP C 133 -20.33 10.74 -5.56
CA TRP C 133 -19.58 11.89 -6.06
C TRP C 133 -20.47 12.75 -6.93
N THR C 134 -20.06 14.00 -7.09
CA THR C 134 -20.67 14.95 -8.02
C THR C 134 -19.61 15.38 -9.02
N ALA C 135 -19.90 15.21 -10.30
CA ALA C 135 -18.94 15.46 -11.37
C ALA C 135 -19.32 16.71 -12.14
N ALA C 136 -18.32 17.56 -12.41
CA ALA C 136 -18.57 18.83 -13.09
C ALA C 136 -18.91 18.62 -14.56
N ASP C 137 -18.10 17.83 -15.27
CA ASP C 137 -18.30 17.63 -16.69
C ASP C 137 -18.29 16.15 -17.06
N THR C 138 -18.26 15.87 -18.37
CA THR C 138 -18.24 14.50 -18.85
C THR C 138 -16.91 13.82 -18.57
N ALA C 139 -15.83 14.57 -18.43
CA ALA C 139 -14.54 13.97 -18.07
C ALA C 139 -14.55 13.47 -16.63
N ALA C 140 -15.08 14.29 -15.71
CA ALA C 140 -15.18 13.85 -14.33
C ALA C 140 -16.06 12.61 -14.19
N GLN C 141 -17.01 12.42 -15.10
CA GLN C 141 -17.85 11.22 -15.05
C GLN C 141 -17.05 9.97 -15.39
N ILE C 142 -16.06 10.09 -16.26
CA ILE C 142 -15.13 8.97 -16.48
C ILE C 142 -14.37 8.68 -15.20
N THR C 143 -13.93 9.73 -14.49
CA THR C 143 -13.24 9.55 -13.23
C THR C 143 -14.15 8.90 -12.20
N GLN C 144 -15.43 9.29 -12.18
CA GLN C 144 -16.37 8.73 -11.22
C GLN C 144 -16.53 7.23 -11.44
N ARG C 145 -16.72 6.82 -12.70
CA ARG C 145 -16.77 5.39 -13.02
C ARG C 145 -15.59 4.66 -12.42
N LYS C 146 -14.38 5.15 -12.67
CA LYS C 146 -13.18 4.46 -12.19
C LYS C 146 -13.16 4.37 -10.67
N TRP C 147 -13.57 5.44 -9.98
CA TRP C 147 -13.60 5.42 -8.53
C TRP C 147 -14.72 4.54 -8.01
N GLU C 148 -15.85 4.47 -8.72
CA GLU C 148 -16.93 3.60 -8.30
C GLU C 148 -16.53 2.13 -8.41
N ALA C 149 -15.80 1.77 -9.47
CA ALA C 149 -15.33 0.41 -9.61
C ALA C 149 -14.32 0.05 -8.52
N ALA C 150 -13.59 1.04 -8.02
CA ALA C 150 -12.58 0.82 -7.00
C ALA C 150 -13.11 0.92 -5.58
N ARG C 151 -14.40 1.20 -5.41
CA ARG C 151 -14.98 1.42 -4.07
C ARG C 151 -14.27 2.55 -3.35
N GLU C 152 -13.86 3.57 -4.12
CA GLU C 152 -13.10 4.68 -3.54
C GLU C 152 -13.88 5.40 -2.46
N ALA C 153 -15.19 5.55 -2.64
CA ALA C 153 -16.00 6.25 -1.64
C ALA C 153 -16.03 5.49 -0.31
N GLU C 154 -16.19 4.17 -0.36
CA GLU C 154 -16.18 3.38 0.86
C GLU C 154 -14.88 3.56 1.63
N GLN C 155 -13.77 3.75 0.91
CA GLN C 155 -12.49 3.97 1.56
C GLN C 155 -12.37 5.38 2.13
N TRP C 156 -13.03 6.36 1.51
CA TRP C 156 -13.00 7.72 2.05
C TRP C 156 -13.90 7.85 3.27
N ARG C 157 -15.07 7.22 3.25
CA ARG C 157 -15.92 7.22 4.43
C ARG C 157 -15.23 6.59 5.63
N ALA C 158 -14.49 5.50 5.39
CA ALA C 158 -13.76 4.86 6.48
C ALA C 158 -12.59 5.72 6.96
N TYR C 159 -11.95 6.46 6.05
CA TYR C 159 -10.84 7.32 6.46
C TYR C 159 -11.35 8.56 7.18
N LEU C 160 -12.37 9.23 6.63
CA LEU C 160 -12.85 10.48 7.22
C LEU C 160 -13.54 10.22 8.56
N GLU C 161 -14.32 9.14 8.65
CA GLU C 161 -15.03 8.83 9.88
C GLU C 161 -14.16 8.13 10.92
N GLY C 162 -12.98 7.65 10.54
CA GLY C 162 -12.12 6.94 11.47
C GLY C 162 -10.75 7.57 11.64
N THR C 163 -9.83 7.25 10.73
CA THR C 163 -8.46 7.74 10.84
C THR C 163 -8.42 9.25 11.05
N CYS C 164 -9.13 10.00 10.20
CA CYS C 164 -9.10 11.46 10.25
C CYS C 164 -9.46 11.96 11.65
N VAL C 165 -10.63 11.57 12.15
CA VAL C 165 -11.06 11.99 13.47
C VAL C 165 -10.11 11.47 14.55
N GLU C 166 -9.71 10.21 14.44
CA GLU C 166 -8.89 9.59 15.48
C GLU C 166 -7.57 10.34 15.66
N TRP C 167 -6.93 10.71 14.54
CA TRP C 167 -5.63 11.37 14.64
C TRP C 167 -5.76 12.86 14.90
N LEU C 168 -6.85 13.48 14.47
CA LEU C 168 -7.08 14.88 14.84
C LEU C 168 -7.20 15.02 16.35
N ARG C 169 -7.94 14.11 17.00
CA ARG C 169 -8.02 14.13 18.45
C ARG C 169 -6.65 13.92 19.07
N ARG C 170 -5.81 13.08 18.44
CA ARG C 170 -4.47 12.84 18.97
C ARG C 170 -3.60 14.08 18.85
N TYR C 171 -3.68 14.77 17.70
CA TYR C 171 -2.86 15.97 17.52
C TYR C 171 -3.26 17.06 18.50
N LEU C 172 -4.56 17.27 18.69
CA LEU C 172 -5.02 18.32 19.59
C LEU C 172 -4.50 18.11 21.01
N GLU C 173 -4.44 16.85 21.46
CA GLU C 173 -3.92 16.58 22.79
C GLU C 173 -2.43 16.84 22.88
N ASN C 174 -1.67 16.39 21.88
CA ASN C 174 -0.23 16.57 21.90
C ASN C 174 0.15 18.05 21.87
N GLY C 175 -0.61 18.86 21.15
CA GLY C 175 -0.33 20.29 21.07
C GLY C 175 -1.41 21.14 21.71
N LYS C 176 -1.94 20.66 22.83
CA LYS C 176 -3.02 21.39 23.50
C LYS C 176 -2.59 22.80 23.89
N GLU C 177 -1.33 22.97 24.28
CA GLU C 177 -0.85 24.25 24.77
C GLU C 177 -0.84 25.34 23.69
N THR C 178 -1.15 25.00 22.44
CA THR C 178 -1.14 25.98 21.36
C THR C 178 -2.36 25.84 20.46
N LEU C 179 -2.70 24.60 20.10
CA LEU C 179 -3.85 24.38 19.23
C LEU C 179 -5.16 24.71 19.92
N GLN C 180 -5.26 24.47 21.22
CA GLN C 180 -6.45 24.77 22.00
C GLN C 180 -6.29 26.02 22.87
N ARG C 181 -5.12 26.63 22.86
CA ARG C 181 -4.87 27.89 23.58
C ARG C 181 -5.04 29.03 22.59
N ALA C 182 -6.25 29.56 22.50
CA ALA C 182 -6.48 30.74 21.68
C ALA C 182 -5.66 31.92 22.23
N GLU C 183 -5.19 32.76 21.32
CA GLU C 183 -4.31 33.87 21.66
C GLU C 183 -4.95 35.18 21.21
N HIS C 184 -5.31 36.03 22.17
CA HIS C 184 -5.93 37.30 21.85
C HIS C 184 -4.96 38.21 21.11
N PRO C 185 -5.47 39.18 20.36
CA PRO C 185 -4.60 40.06 19.58
C PRO C 185 -4.11 41.27 20.36
N LYS C 186 -2.87 41.65 20.08
CA LYS C 186 -2.30 42.89 20.62
C LYS C 186 -2.67 44.03 19.67
N THR C 187 -3.32 45.06 20.21
CA THR C 187 -3.95 46.08 19.39
C THR C 187 -3.50 47.47 19.82
N HIS C 188 -3.61 48.41 18.89
CA HIS C 188 -3.33 49.82 19.12
C HIS C 188 -3.72 50.59 17.88
N VAL C 189 -3.73 51.92 18.00
CA VAL C 189 -4.17 52.81 16.93
C VAL C 189 -3.03 53.76 16.59
N THR C 190 -2.74 53.90 15.30
CA THR C 190 -1.73 54.82 14.80
C THR C 190 -2.40 55.99 14.08
N HIS C 191 -1.65 57.08 13.93
CA HIS C 191 -2.16 58.30 13.32
C HIS C 191 -1.22 58.74 12.21
N HIS C 192 -1.79 59.05 11.04
CA HIS C 192 -1.00 59.46 9.89
C HIS C 192 -1.69 60.60 9.15
N PRO C 193 -1.04 61.75 8.99
CA PRO C 193 -1.69 62.88 8.32
C PRO C 193 -1.84 62.64 6.84
N VAL C 194 -2.98 63.05 6.30
CA VAL C 194 -3.28 62.92 4.88
C VAL C 194 -3.08 64.27 4.21
N SER C 195 -3.99 65.21 4.50
CA SER C 195 -3.91 66.57 4.00
C SER C 195 -3.70 67.52 5.17
N ASP C 196 -3.83 68.82 4.91
CA ASP C 196 -3.81 69.79 5.99
C ASP C 196 -4.99 69.64 6.93
N HIS C 197 -6.05 68.95 6.50
CA HIS C 197 -7.24 68.73 7.32
C HIS C 197 -7.68 67.27 7.36
N GLU C 198 -6.91 66.36 6.77
CA GLU C 198 -7.25 64.95 6.74
C GLU C 198 -6.20 64.15 7.51
N ALA C 199 -6.66 63.06 8.14
CA ALA C 199 -5.77 62.16 8.84
C ALA C 199 -6.32 60.75 8.74
N THR C 200 -5.42 59.77 8.77
CA THR C 200 -5.79 58.36 8.71
C THR C 200 -5.65 57.75 10.10
N LEU C 201 -6.66 56.97 10.50
CA LEU C 201 -6.65 56.22 11.75
C LEU C 201 -6.56 54.74 11.40
N ARG C 202 -5.42 54.13 11.70
CA ARG C 202 -5.18 52.72 11.39
C ARG C 202 -5.25 51.91 12.68
N CYS C 203 -6.14 50.94 12.72
CA CYS C 203 -6.32 50.07 13.88
C CYS C 203 -5.60 48.75 13.62
N TRP C 204 -4.63 48.43 14.46
CA TRP C 204 -3.78 47.26 14.28
C TRP C 204 -4.22 46.12 15.18
N ALA C 205 -4.07 44.89 14.67
CA ALA C 205 -4.27 43.67 15.44
C ALA C 205 -3.14 42.71 15.10
N LEU C 206 -2.33 42.37 16.09
CA LEU C 206 -1.09 41.65 15.86
C LEU C 206 -0.95 40.46 16.81
N GLY C 207 -0.43 39.36 16.28
CA GLY C 207 -0.04 38.22 17.08
C GLY C 207 -1.16 37.39 17.66
N PHE C 208 -2.23 37.19 16.90
CA PHE C 208 -3.36 36.40 17.37
C PHE C 208 -3.44 35.07 16.63
N TYR C 209 -4.21 34.15 17.21
CA TYR C 209 -4.47 32.84 16.64
C TYR C 209 -5.74 32.29 17.28
N PRO C 210 -6.66 31.69 16.50
CA PRO C 210 -6.59 31.47 15.05
C PRO C 210 -6.73 32.77 14.27
N ALA C 211 -6.79 32.69 12.93
CA ALA C 211 -6.81 33.89 12.11
C ALA C 211 -8.15 34.60 12.07
N GLU C 212 -9.23 33.90 12.43
CA GLU C 212 -10.55 34.51 12.39
C GLU C 212 -10.62 35.74 13.29
N ILE C 213 -11.02 36.88 12.71
CA ILE C 213 -11.10 38.13 13.46
C ILE C 213 -11.98 39.11 12.69
N THR C 214 -12.40 40.17 13.36
CA THR C 214 -13.20 41.21 12.73
CA THR C 214 -13.20 41.21 12.73
C THR C 214 -12.85 42.56 13.34
N LEU C 215 -12.47 43.51 12.49
CA LEU C 215 -12.14 44.87 12.90
C LEU C 215 -13.18 45.81 12.33
N THR C 216 -13.74 46.68 13.17
CA THR C 216 -14.79 47.60 12.77
CA THR C 216 -14.79 47.60 12.77
C THR C 216 -14.48 48.99 13.28
N TRP C 217 -14.72 49.99 12.44
CA TRP C 217 -14.58 51.39 12.80
C TRP C 217 -15.95 52.01 12.95
N GLN C 218 -16.12 52.84 13.96
CA GLN C 218 -17.41 53.47 14.23
C GLN C 218 -17.19 54.91 14.67
N ARG C 219 -17.91 55.83 14.03
CA ARG C 219 -17.96 57.23 14.43
C ARG C 219 -19.34 57.52 14.99
N ASP C 220 -19.40 57.84 16.27
CA ASP C 220 -20.63 58.11 17.01
C ASP C 220 -21.33 56.82 17.43
N GLY C 221 -20.75 55.65 17.15
CA GLY C 221 -21.35 54.39 17.50
C GLY C 221 -22.10 53.68 16.39
N GLU C 222 -21.95 54.11 15.14
CA GLU C 222 -22.61 53.51 14.00
C GLU C 222 -21.60 52.69 13.19
N ASP C 223 -22.12 51.93 12.23
CA ASP C 223 -21.30 51.05 11.40
C ASP C 223 -20.75 51.86 10.22
N GLN C 224 -19.75 52.68 10.51
CA GLN C 224 -19.08 53.49 9.48
C GLN C 224 -18.05 52.62 8.75
N THR C 225 -18.56 51.73 7.90
CA THR C 225 -17.73 50.79 7.16
C THR C 225 -17.74 51.03 5.66
N GLN C 226 -18.46 52.05 5.17
CA GLN C 226 -18.49 52.32 3.75
C GLN C 226 -17.21 52.98 3.25
N ASP C 227 -16.47 53.64 4.13
CA ASP C 227 -15.18 54.24 3.78
C ASP C 227 -14.07 53.72 4.69
N THR C 228 -14.16 52.46 5.10
CA THR C 228 -13.11 51.79 5.85
C THR C 228 -12.23 51.00 4.91
N GLU C 229 -10.95 50.88 5.26
CA GLU C 229 -9.97 50.13 4.48
C GLU C 229 -9.52 48.92 5.28
N LEU C 230 -9.75 47.73 4.75
CA LEU C 230 -9.35 46.48 5.38
C LEU C 230 -8.36 45.74 4.48
N VAL C 231 -7.28 45.26 5.07
CA VAL C 231 -6.34 44.40 4.37
C VAL C 231 -6.63 42.97 4.77
N GLU C 232 -6.40 42.04 3.82
CA GLU C 232 -6.56 40.63 4.12
C GLU C 232 -5.75 40.26 5.36
N THR C 233 -6.31 39.39 6.19
CA THR C 233 -5.55 38.83 7.29
C THR C 233 -4.28 38.18 6.74
N ARG C 234 -3.17 38.41 7.42
CA ARG C 234 -1.87 37.99 6.92
C ARG C 234 -1.06 37.30 8.02
N PRO C 235 -0.15 36.41 7.64
CA PRO C 235 0.66 35.70 8.64
C PRO C 235 1.89 36.50 9.06
N ALA C 236 2.23 36.38 10.35
CA ALA C 236 3.43 36.98 10.89
C ALA C 236 4.67 36.12 10.66
N GLY C 237 4.51 34.92 10.11
CA GLY C 237 5.63 34.04 9.88
C GLY C 237 6.05 33.20 11.06
N ASP C 238 5.16 33.05 12.06
CA ASP C 238 5.53 32.29 13.26
C ASP C 238 4.33 31.67 13.96
N GLY C 239 3.16 31.61 13.33
CA GLY C 239 1.98 31.04 13.94
C GLY C 239 0.90 32.05 14.30
N THR C 240 1.25 33.33 14.34
CA THR C 240 0.29 34.39 14.64
C THR C 240 0.00 35.20 13.38
N PHE C 241 -1.12 35.92 13.41
CA PHE C 241 -1.60 36.66 12.26
C PHE C 241 -1.70 38.14 12.56
N GLN C 242 -1.82 38.93 11.49
CA GLN C 242 -1.87 40.38 11.56
C GLN C 242 -3.04 40.87 10.73
N LYS C 243 -3.56 42.05 11.09
CA LYS C 243 -4.65 42.66 10.36
C LYS C 243 -4.87 44.08 10.89
N TRP C 244 -5.04 45.02 9.98
CA TRP C 244 -5.36 46.38 10.37
C TRP C 244 -6.50 46.90 9.51
N ALA C 245 -7.18 47.92 10.03
CA ALA C 245 -8.31 48.55 9.37
C ALA C 245 -8.17 50.06 9.54
N ALA C 246 -8.24 50.80 8.44
CA ALA C 246 -7.98 52.22 8.43
C ALA C 246 -9.21 53.00 7.99
N VAL C 247 -9.30 54.24 8.46
CA VAL C 247 -10.37 55.16 8.09
C VAL C 247 -9.79 56.56 8.01
N VAL C 248 -10.27 57.35 7.06
CA VAL C 248 -9.82 58.73 6.88
C VAL C 248 -10.80 59.65 7.59
N VAL C 249 -10.30 60.42 8.55
CA VAL C 249 -11.15 61.25 9.39
C VAL C 249 -10.74 62.71 9.26
N PRO C 250 -11.68 63.66 9.40
CA PRO C 250 -11.31 65.07 9.38
C PRO C 250 -10.49 65.43 10.62
N SER C 251 -9.31 66.01 10.39
CA SER C 251 -8.42 66.36 11.48
C SER C 251 -9.16 67.13 12.57
N GLY C 252 -8.90 66.76 13.82
CA GLY C 252 -9.58 67.32 14.96
C GLY C 252 -10.71 66.47 15.51
N GLU C 253 -11.22 65.54 14.70
CA GLU C 253 -12.31 64.65 15.11
C GLU C 253 -11.80 63.24 15.41
N GLU C 254 -10.56 63.11 15.89
CA GLU C 254 -9.98 61.79 16.12
C GLU C 254 -10.78 61.01 17.16
N GLN C 255 -11.03 61.63 18.33
CA GLN C 255 -11.73 60.93 19.39
C GLN C 255 -13.19 60.65 19.09
N ARG C 256 -13.67 60.99 17.89
CA ARG C 256 -15.01 60.58 17.47
C ARG C 256 -15.06 59.16 16.95
N TYR C 257 -13.90 58.57 16.66
CA TYR C 257 -13.82 57.25 16.03
C TYR C 257 -13.31 56.24 17.03
N THR C 258 -13.97 55.08 17.09
CA THR C 258 -13.58 53.98 17.96
C THR C 258 -13.45 52.71 17.15
N CYS C 259 -12.41 51.94 17.43
CA CYS C 259 -12.15 50.68 16.73
C CYS C 259 -12.65 49.51 17.58
N HIS C 260 -13.43 48.64 16.94
CA HIS C 260 -13.99 47.47 17.61
C HIS C 260 -13.33 46.22 17.05
N VAL C 261 -12.93 45.31 17.94
CA VAL C 261 -12.27 44.07 17.55
C VAL C 261 -13.02 42.89 18.14
N GLN C 262 -13.02 41.78 17.41
CA GLN C 262 -13.68 40.55 17.84
C GLN C 262 -12.76 39.38 17.55
N HIS C 263 -12.36 38.66 18.61
CA HIS C 263 -11.52 37.48 18.45
C HIS C 263 -11.93 36.44 19.49
N GLU C 264 -11.60 35.19 19.23
CA GLU C 264 -12.01 34.11 20.12
C GLU C 264 -11.35 34.24 21.49
N GLY C 265 -10.08 34.64 21.53
CA GLY C 265 -9.39 34.79 22.80
C GLY C 265 -9.86 35.96 23.64
N LEU C 266 -10.62 36.88 23.06
CA LEU C 266 -11.12 38.04 23.81
C LEU C 266 -12.45 37.69 24.45
N PRO C 267 -12.55 37.71 25.79
CA PRO C 267 -13.82 37.36 26.43
C PRO C 267 -14.97 38.24 25.98
N GLU C 268 -14.82 39.57 26.09
CA GLU C 268 -15.77 40.51 25.52
C GLU C 268 -15.08 41.37 24.47
N PRO C 269 -15.82 41.89 23.49
CA PRO C 269 -15.20 42.72 22.45
C PRO C 269 -14.39 43.86 23.03
N LEU C 270 -13.44 44.37 22.26
CA LEU C 270 -12.54 45.43 22.70
C LEU C 270 -12.77 46.67 21.86
N THR C 271 -13.14 47.77 22.52
CA THR C 271 -13.26 49.08 21.88
C THR C 271 -11.97 49.86 22.15
N LEU C 272 -11.31 50.29 21.08
CA LEU C 272 -10.03 50.97 21.18
C LEU C 272 -10.11 52.34 20.55
N ARG C 273 -9.38 53.29 21.13
CA ARG C 273 -9.33 54.67 20.66
C ARG C 273 -7.91 55.02 20.27
N TRP C 274 -7.75 56.23 19.72
CA TRP C 274 -6.45 56.75 19.33
C TRP C 274 -5.94 57.69 20.42
N GLU C 275 -4.78 57.38 20.98
CA GLU C 275 -4.18 58.21 22.02
C GLU C 275 -3.19 59.15 21.37
N PRO C 276 -3.48 60.46 21.31
CA PRO C 276 -2.53 61.44 20.76
C PRO C 276 -1.17 61.41 21.47
N MET D 1 -6.43 26.48 -18.52
CA MET D 1 -6.29 26.91 -17.14
C MET D 1 -6.91 28.29 -16.93
N ILE D 2 -6.87 28.76 -15.68
CA ILE D 2 -7.41 30.08 -15.33
C ILE D 2 -6.25 30.98 -14.90
N GLN D 3 -6.38 32.26 -15.21
CA GLN D 3 -5.42 33.27 -14.81
C GLN D 3 -6.00 34.12 -13.69
N ARG D 4 -5.21 34.35 -12.65
CA ARG D 4 -5.60 35.21 -11.54
C ARG D 4 -4.36 35.93 -11.03
N THR D 5 -4.43 37.26 -11.00
CA THR D 5 -3.29 38.06 -10.60
C THR D 5 -3.09 37.98 -9.08
N PRO D 6 -1.85 37.93 -8.62
CA PRO D 6 -1.59 37.82 -7.19
C PRO D 6 -1.81 39.14 -6.47
N LYS D 7 -2.28 39.03 -5.24
CA LYS D 7 -2.29 40.15 -4.32
C LYS D 7 -1.03 40.12 -3.48
N ILE D 8 -0.53 41.30 -3.11
CA ILE D 8 0.78 41.42 -2.48
C ILE D 8 0.68 42.31 -1.25
N GLN D 9 1.42 41.94 -0.20
CA GLN D 9 1.54 42.74 1.01
C GLN D 9 2.96 42.59 1.54
N VAL D 10 3.68 43.71 1.64
CA VAL D 10 4.99 43.75 2.27
C VAL D 10 4.84 44.39 3.64
N TYR D 11 5.40 43.76 4.67
CA TYR D 11 5.29 44.24 6.04
C TYR D 11 6.35 43.57 6.87
N SER D 12 6.31 43.83 8.17
CA SER D 12 7.29 43.31 9.13
C SER D 12 6.60 42.44 10.17
N ARG D 13 7.32 41.43 10.64
CA ARG D 13 6.76 40.53 11.64
C ARG D 13 6.39 41.27 12.91
N HIS D 14 7.24 42.18 13.37
CA HIS D 14 7.02 42.96 14.57
C HIS D 14 6.94 44.45 14.23
N PRO D 15 6.27 45.26 15.05
CA PRO D 15 6.27 46.70 14.83
C PRO D 15 7.69 47.25 14.68
N ALA D 16 7.98 47.83 13.52
CA ALA D 16 9.34 48.21 13.19
C ALA D 16 9.90 49.20 14.21
N GLU D 17 11.10 48.91 14.71
CA GLU D 17 11.84 49.80 15.60
C GLU D 17 13.27 49.88 15.08
N ASN D 18 13.64 51.05 14.56
CA ASN D 18 14.96 51.24 13.96
C ASN D 18 16.05 50.69 14.88
N GLY D 19 16.90 49.83 14.32
CA GLY D 19 17.99 49.25 15.07
C GLY D 19 17.72 47.83 15.54
N LYS D 20 16.52 47.59 16.06
CA LYS D 20 16.17 46.29 16.60
C LYS D 20 15.87 45.31 15.47
N SER D 21 16.44 44.11 15.56
CA SER D 21 16.25 43.10 14.52
C SER D 21 14.77 42.77 14.38
N ASN D 22 14.41 42.22 13.22
CA ASN D 22 13.02 41.95 12.88
C ASN D 22 13.01 41.04 11.67
N PHE D 23 11.80 40.76 11.16
CA PHE D 23 11.61 39.90 10.00
C PHE D 23 10.82 40.64 8.94
N LEU D 24 11.29 40.57 7.70
CA LEU D 24 10.63 41.19 6.55
C LEU D 24 9.86 40.12 5.79
N ASN D 25 8.58 40.41 5.51
CA ASN D 25 7.69 39.45 4.87
C ASN D 25 7.09 40.03 3.61
N CYS D 26 6.99 39.19 2.58
CA CYS D 26 6.24 39.50 1.36
C CYS D 26 5.22 38.38 1.17
N TYR D 27 3.94 38.72 1.27
CA TYR D 27 2.86 37.75 1.28
C TYR D 27 2.07 37.89 -0.03
N VAL D 28 2.14 36.85 -0.86
CA VAL D 28 1.43 36.81 -2.13
C VAL D 28 0.29 35.80 -2.02
N SER D 29 -0.85 36.14 -2.60
CA SER D 29 -2.02 35.26 -2.51
C SER D 29 -2.97 35.57 -3.65
N GLY D 30 -3.95 34.68 -3.82
CA GLY D 30 -5.02 34.87 -4.80
C GLY D 30 -4.63 34.65 -6.24
N PHE D 31 -3.48 34.04 -6.51
CA PHE D 31 -3.00 33.89 -7.87
C PHE D 31 -3.19 32.47 -8.38
N HIS D 32 -3.08 32.33 -9.71
CA HIS D 32 -3.24 31.06 -10.40
C HIS D 32 -2.86 31.26 -11.86
N PRO D 33 -1.99 30.42 -12.42
CA PRO D 33 -1.38 29.21 -11.85
C PRO D 33 -0.38 29.48 -10.73
N SER D 34 0.28 28.42 -10.27
CA SER D 34 1.15 28.48 -9.10
CA SER D 34 1.15 28.48 -9.10
C SER D 34 2.57 28.94 -9.43
N ASP D 35 2.92 29.06 -10.70
CA ASP D 35 4.26 29.50 -11.05
C ASP D 35 4.39 31.00 -10.83
N ILE D 36 5.39 31.39 -10.03
CA ILE D 36 5.52 32.77 -9.60
C ILE D 36 6.94 32.99 -9.10
N GLU D 37 7.46 34.19 -9.35
CA GLU D 37 8.80 34.58 -8.89
C GLU D 37 8.66 35.77 -7.96
N VAL D 38 9.07 35.58 -6.70
CA VAL D 38 9.01 36.62 -5.68
C VAL D 38 10.41 36.83 -5.13
N ASP D 39 10.82 38.09 -5.02
CA ASP D 39 12.16 38.41 -4.54
C ASP D 39 12.10 39.67 -3.67
N LEU D 40 12.79 39.62 -2.54
CA LEU D 40 12.89 40.76 -1.64
C LEU D 40 14.09 41.62 -2.03
N LEU D 41 13.91 42.93 -1.96
CA LEU D 41 14.92 43.87 -2.40
C LEU D 41 15.31 44.83 -1.29
N LYS D 42 16.57 45.29 -1.34
CA LYS D 42 17.08 46.31 -0.43
C LYS D 42 17.91 47.27 -1.26
N ASN D 43 17.42 48.50 -1.41
CA ASN D 43 18.07 49.50 -2.26
C ASN D 43 18.13 49.03 -3.71
N GLY D 44 17.11 48.29 -4.13
CA GLY D 44 17.05 47.75 -5.47
C GLY D 44 17.76 46.43 -5.67
N GLU D 45 18.65 46.05 -4.75
CA GLU D 45 19.36 44.80 -4.85
C GLU D 45 18.51 43.63 -4.36
N ARG D 46 18.75 42.47 -4.94
CA ARG D 46 18.05 41.24 -4.56
C ARG D 46 18.80 40.58 -3.41
N ILE D 47 18.13 40.48 -2.26
CA ILE D 47 18.71 39.79 -1.10
C ILE D 47 18.57 38.30 -1.34
N GLU D 48 19.70 37.62 -1.57
CA GLU D 48 19.66 36.22 -1.97
C GLU D 48 19.03 35.34 -0.89
N LYS D 49 19.38 35.58 0.37
CA LYS D 49 18.84 34.78 1.48
C LYS D 49 17.36 35.11 1.66
N VAL D 50 16.50 34.18 1.25
CA VAL D 50 15.05 34.33 1.43
C VAL D 50 14.45 32.95 1.63
N GLU D 51 13.62 32.81 2.65
CA GLU D 51 12.94 31.55 2.95
C GLU D 51 11.45 31.73 2.65
N HIS D 52 10.93 30.88 1.76
CA HIS D 52 9.53 30.91 1.36
C HIS D 52 8.79 29.74 2.00
N SER D 53 7.54 29.97 2.38
CA SER D 53 6.73 28.91 2.98
C SER D 53 6.38 27.87 1.93
N ASP D 54 5.66 26.85 2.36
CA ASP D 54 5.24 25.78 1.47
C ASP D 54 4.01 26.19 0.67
N LEU D 55 3.99 25.81 -0.60
CA LEU D 55 2.87 26.15 -1.46
C LEU D 55 1.57 25.58 -0.91
N SER D 56 0.53 26.41 -0.88
CA SER D 56 -0.79 26.00 -0.44
C SER D 56 -1.81 26.85 -1.18
N PHE D 57 -3.09 26.60 -0.93
CA PHE D 57 -4.14 27.33 -1.63
C PHE D 57 -5.38 27.41 -0.75
N SER D 58 -6.23 28.39 -1.07
CA SER D 58 -7.44 28.66 -0.33
C SER D 58 -8.60 27.83 -0.88
N LYS D 59 -9.75 27.93 -0.19
CA LYS D 59 -10.91 27.14 -0.58
C LYS D 59 -11.36 27.42 -2.01
N ASP D 60 -11.04 28.59 -2.55
CA ASP D 60 -11.38 28.93 -3.92
C ASP D 60 -10.32 28.48 -4.92
N TRP D 61 -9.29 27.75 -4.46
CA TRP D 61 -8.22 27.16 -5.27
C TRP D 61 -7.10 28.15 -5.56
N SER D 62 -7.11 29.34 -4.97
CA SER D 62 -6.03 30.30 -5.18
C SER D 62 -4.87 29.99 -4.25
N PHE D 63 -3.65 30.13 -4.76
CA PHE D 63 -2.44 29.83 -3.99
C PHE D 63 -2.04 31.03 -3.14
N TYR D 64 -1.17 30.77 -2.17
CA TYR D 64 -0.58 31.83 -1.36
C TYR D 64 0.77 31.37 -0.83
N LEU D 65 1.69 32.32 -0.68
CA LEU D 65 3.04 32.04 -0.26
C LEU D 65 3.55 33.16 0.65
N LEU D 66 4.52 32.82 1.50
CA LEU D 66 5.15 33.78 2.39
C LEU D 66 6.66 33.70 2.21
N TYR D 67 7.21 34.57 1.37
CA TYR D 67 8.64 34.78 1.34
C TYR D 67 9.02 35.71 2.49
N TYR D 68 10.07 35.37 3.23
CA TYR D 68 10.47 36.19 4.36
C TYR D 68 11.97 36.10 4.54
N THR D 69 12.49 37.05 5.32
CA THR D 69 13.92 37.12 5.63
C THR D 69 14.08 37.96 6.89
N GLU D 70 15.26 37.87 7.49
CA GLU D 70 15.56 38.62 8.71
C GLU D 70 16.29 39.91 8.33
N PHE D 71 15.85 41.02 8.91
CA PHE D 71 16.46 42.31 8.61
C PHE D 71 16.44 43.17 9.86
N THR D 72 17.31 44.18 9.87
CA THR D 72 17.35 45.18 10.93
C THR D 72 16.95 46.52 10.35
N PRO D 73 15.76 47.04 10.68
CA PRO D 73 15.27 48.26 10.02
C PRO D 73 16.14 49.47 10.33
N THR D 74 16.66 50.10 9.27
CA THR D 74 17.41 51.34 9.37
C THR D 74 17.00 52.26 8.23
N GLU D 75 16.97 53.56 8.50
CA GLU D 75 16.44 54.51 7.54
C GLU D 75 17.32 54.59 6.29
N LYS D 76 16.71 55.04 5.19
CA LYS D 76 17.39 55.20 3.91
C LYS D 76 17.83 53.85 3.35
N ASP D 77 16.97 52.85 3.45
CA ASP D 77 17.22 51.53 2.89
C ASP D 77 16.23 51.13 1.81
N GLU D 78 14.94 51.36 2.03
CA GLU D 78 13.93 51.09 1.02
C GLU D 78 13.89 49.61 0.63
N TYR D 79 13.30 48.79 1.49
CA TYR D 79 13.04 47.40 1.14
C TYR D 79 11.77 47.32 0.31
N ALA D 80 11.75 46.36 -0.63
CA ALA D 80 10.60 46.22 -1.51
C ALA D 80 10.47 44.76 -1.92
N CYS D 81 9.34 44.44 -2.54
CA CYS D 81 9.07 43.11 -3.06
C CYS D 81 8.73 43.22 -4.54
N ARG D 82 9.43 42.43 -5.36
CA ARG D 82 9.21 42.39 -6.80
C ARG D 82 8.61 41.04 -7.16
N VAL D 83 7.38 41.06 -7.67
CA VAL D 83 6.64 39.86 -7.99
C VAL D 83 6.34 39.84 -9.49
N ASN D 84 6.66 38.74 -10.15
CA ASN D 84 6.35 38.55 -11.55
C ASN D 84 5.48 37.30 -11.70
N HIS D 85 4.45 37.40 -12.52
CA HIS D 85 3.49 36.32 -12.71
C HIS D 85 3.06 36.28 -14.17
N VAL D 86 2.48 35.15 -14.56
CA VAL D 86 2.03 34.99 -15.94
C VAL D 86 1.05 36.09 -16.33
N THR D 87 0.31 36.61 -15.36
CA THR D 87 -0.74 37.61 -15.61
C THR D 87 -0.24 39.04 -15.53
N LEU D 88 1.07 39.25 -15.35
CA LEU D 88 1.64 40.58 -15.23
C LEU D 88 2.49 40.89 -16.46
N SER D 89 2.30 42.09 -17.01
CA SER D 89 3.11 42.50 -18.15
CA SER D 89 3.11 42.50 -18.15
C SER D 89 4.58 42.60 -17.77
N GLN D 90 4.85 43.05 -16.55
CA GLN D 90 6.22 43.17 -16.04
C GLN D 90 6.16 43.06 -14.52
N PRO D 91 7.29 42.80 -13.86
CA PRO D 91 7.27 42.60 -12.41
C PRO D 91 6.66 43.79 -11.69
N LYS D 92 5.68 43.51 -10.83
CA LYS D 92 5.06 44.52 -9.98
C LYS D 92 5.88 44.66 -8.71
N ILE D 93 6.34 45.89 -8.43
CA ILE D 93 7.21 46.18 -7.30
C ILE D 93 6.41 46.94 -6.25
N VAL D 94 6.49 46.48 -5.01
CA VAL D 94 5.77 47.08 -3.89
C VAL D 94 6.77 47.40 -2.80
N LYS D 95 6.95 48.69 -2.51
CA LYS D 95 7.88 49.11 -1.48
C LYS D 95 7.30 48.86 -0.09
N TRP D 96 8.18 48.61 0.87
CA TRP D 96 7.75 48.40 2.25
C TRP D 96 7.56 49.72 2.97
N ASP D 97 6.45 49.83 3.70
CA ASP D 97 6.12 51.01 4.49
C ASP D 97 5.76 50.53 5.89
N ARG D 98 6.64 50.81 6.86
CA ARG D 98 6.42 50.30 8.22
C ARG D 98 5.09 50.75 8.80
N ASP D 99 4.49 51.80 8.25
CA ASP D 99 3.16 52.24 8.67
C ASP D 99 2.04 51.36 8.11
N MET D 100 2.38 50.23 7.51
CA MET D 100 1.38 49.36 6.88
C MET D 100 1.83 47.89 6.86
N LYS E 1 -2.86 12.28 10.05
CA LYS E 1 -2.32 11.33 9.10
C LYS E 1 -3.08 11.39 7.78
N ALA E 2 -2.37 11.30 6.67
CA ALA E 2 -2.97 11.50 5.37
C ALA E 2 -3.69 10.25 4.88
N TYR E 3 -4.58 10.44 3.91
CA TYR E 3 -5.15 9.32 3.19
C TYR E 3 -4.03 8.51 2.55
N ASN E 4 -4.18 7.18 2.54
CA ASN E 4 -3.05 6.35 2.15
C ASN E 4 -2.59 6.67 0.73
N VAL E 5 -3.33 6.23 -0.28
CA VAL E 5 -3.03 6.59 -1.66
C VAL E 5 -4.31 6.62 -2.46
N THR E 6 -4.62 7.76 -3.06
CA THR E 6 -5.85 7.89 -3.81
C THR E 6 -5.77 7.14 -5.12
N GLN E 7 -6.95 6.81 -5.67
CA GLN E 7 -7.03 6.26 -7.01
C GLN E 7 -6.71 7.35 -8.02
N ALA E 8 -6.15 6.94 -9.15
CA ALA E 8 -5.84 7.89 -10.21
C ALA E 8 -7.13 8.37 -10.88
N PHE E 9 -7.06 9.56 -11.47
CA PHE E 9 -8.22 10.17 -12.11
C PHE E 9 -8.58 9.46 -13.42
C1 EDO F . 7.72 -50.63 12.60
O1 EDO F . 8.00 -50.84 13.96
C2 EDO F . 8.87 -49.86 11.99
O2 EDO F . 8.84 -48.55 12.52
H11 EDO F . 6.90 -50.14 12.48
H12 EDO F . 7.61 -51.47 12.11
HO1 EDO F . 7.37 -51.30 14.29
H21 EDO F . 8.76 -49.88 11.03
H22 EDO F . 9.68 -50.33 12.20
HO2 EDO F . 8.96 -48.60 13.36
C1 EDO G . -0.84 -24.90 -12.35
O1 EDO G . -1.22 -24.25 -11.16
C2 EDO G . -0.65 -26.38 -12.12
O2 EDO G . -1.29 -26.80 -10.95
H11 EDO G . -0.02 -24.53 -12.71
H12 EDO G . -1.52 -24.78 -13.04
HO1 EDO G . -1.33 -23.42 -11.34
H21 EDO G . 0.31 -26.53 -12.10
H22 EDO G . -0.98 -26.84 -12.91
HO2 EDO G . -2.13 -26.69 -11.06
S SO4 H . 5.22 -22.32 -8.03
O1 SO4 H . 4.78 -22.69 -9.41
O2 SO4 H . 5.86 -23.52 -7.37
O3 SO4 H . 6.22 -21.21 -8.09
O4 SO4 H . 4.04 -21.87 -7.22
#